data_3FG8
#
_entry.id   3FG8
#
_cell.length_a   149.695
_cell.length_b   55.889
_cell.length_c   101.856
_cell.angle_alpha   90.00
_cell.angle_beta   132.61
_cell.angle_gamma   90.00
#
_symmetry.space_group_name_H-M   'C 1 2 1'
#
loop_
_entity.id
_entity.type
_entity.pdbx_description
1 polymer 'uncharacterized protein RHA05790'
2 non-polymer '(3R)-3-(phosphonooxy)butanoic acid'
3 water water
#
_entity_poly.entity_id   1
_entity_poly.type   'polypeptide(L)'
_entity_poly.pdbx_seq_one_letter_code
;(MSE)GSSHHHHHHSSGRENLYFQGGLGF(MSE)ALDEDLRIIYVNSGCLRHVRRSRDELLGRVVTEVLPETQGSYFDAL
CRKVLATGREQQTRVDSLYSPG(MSE)TIEVTAAADSGALVVHFRDVTAE
;
_entity_poly.pdbx_strand_id   A,B,C,D,E,F
#
loop_
_chem_comp.id
_chem_comp.type
_chem_comp.name
_chem_comp.formula
3PB non-polymer '(3R)-3-(phosphonooxy)butanoic acid' 'C4 H9 O6 P'
#
# COMPACT_ATOMS: atom_id res chain seq x y z
N GLY A 13 21.20 0.21 21.50
CA GLY A 13 20.87 -0.19 20.08
C GLY A 13 20.63 -1.69 19.97
N ARG A 14 19.54 -2.15 20.56
CA ARG A 14 19.32 -3.57 20.77
C ARG A 14 18.04 -4.03 20.09
N GLU A 15 17.97 -3.77 18.80
CA GLU A 15 16.79 -4.13 18.04
C GLU A 15 16.63 -5.65 18.03
N ASN A 16 15.38 -6.11 17.97
CA ASN A 16 15.06 -7.53 17.90
C ASN A 16 13.81 -7.75 17.01
N LEU A 17 13.34 -8.99 16.91
CA LEU A 17 12.22 -9.29 16.00
C LEU A 17 10.98 -8.46 16.29
N TYR A 18 10.76 -8.13 17.57
CA TYR A 18 9.60 -7.32 17.96
C TYR A 18 9.88 -5.83 17.82
N PHE A 19 10.98 -5.34 18.40
CA PHE A 19 11.30 -3.92 18.25
C PHE A 19 12.36 -3.80 17.18
N GLN A 20 11.95 -3.63 15.91
CA GLN A 20 12.91 -3.72 14.83
C GLN A 20 13.67 -2.43 14.56
N GLY A 21 13.20 -1.32 15.13
CA GLY A 21 13.84 -0.01 14.93
C GLY A 21 14.05 0.40 13.48
N GLY A 22 13.12 0.00 12.61
CA GLY A 22 13.18 0.36 11.18
C GLY A 22 14.26 -0.38 10.40
N LEU A 23 14.83 -1.42 11.02
CA LEU A 23 15.92 -2.17 10.38
C LEU A 23 15.43 -3.40 9.63
N GLY A 24 16.23 -3.86 8.66
CA GLY A 24 15.92 -5.11 7.95
C GLY A 24 16.19 -6.34 8.82
N PHE A 25 15.23 -7.25 8.84
CA PHE A 25 15.31 -8.46 9.68
C PHE A 25 14.94 -9.64 8.82
N MSE A 26 15.57 -10.78 9.11
CA MSE A 26 15.22 -12.06 8.50
C MSE A 26 15.37 -13.10 9.64
O MSE A 26 16.28 -12.97 10.44
CB MSE A 26 16.18 -12.40 7.32
CG MSE A 26 15.95 -13.78 6.72
SE MSE A 26 17.25 -13.93 5.23
CE MSE A 26 16.47 -12.86 4.02
N ALA A 27 14.52 -14.12 9.65
CA ALA A 27 14.67 -15.25 10.56
C ALA A 27 14.79 -16.55 9.75
N LEU A 28 15.66 -17.46 10.22
CA LEU A 28 15.89 -18.74 9.59
C LEU A 28 15.57 -19.85 10.59
N ASP A 29 14.95 -20.89 10.09
CA ASP A 29 14.73 -22.08 10.90
C ASP A 29 15.97 -22.98 11.00
N GLU A 30 15.81 -24.17 11.58
N GLU A 30 15.83 -24.14 11.63
CA GLU A 30 16.95 -25.06 11.81
CA GLU A 30 16.98 -25.01 11.81
C GLU A 30 17.45 -25.80 10.56
C GLU A 30 17.63 -25.41 10.49
N ASP A 31 16.82 -25.53 9.43
CA ASP A 31 17.29 -25.98 8.14
C ASP A 31 17.79 -24.80 7.33
N LEU A 32 17.86 -23.65 7.98
CA LEU A 32 18.23 -22.38 7.37
C LEU A 32 17.26 -21.96 6.25
N ARG A 33 16.00 -22.38 6.38
CA ARG A 33 14.93 -21.92 5.51
CA ARG A 33 14.94 -21.91 5.49
C ARG A 33 14.49 -20.55 6.01
N ILE A 34 14.21 -19.65 5.08
CA ILE A 34 13.71 -18.32 5.45
C ILE A 34 12.27 -18.42 5.92
N ILE A 35 12.05 -18.18 7.22
CA ILE A 35 10.71 -18.28 7.77
C ILE A 35 10.09 -16.92 8.10
N TYR A 36 10.90 -15.88 8.02
CA TYR A 36 10.40 -14.53 8.28
C TYR A 36 11.32 -13.58 7.58
N VAL A 37 10.73 -12.61 6.89
N VAL A 37 10.76 -12.59 6.89
CA VAL A 37 11.49 -11.50 6.33
CA VAL A 37 11.59 -11.51 6.33
C VAL A 37 10.64 -10.25 6.40
C VAL A 37 10.77 -10.22 6.17
N ASN A 38 11.27 -9.10 6.72
CA ASN A 38 10.50 -7.87 6.69
C ASN A 38 10.72 -7.09 5.39
N SER A 39 9.96 -6.03 5.19
CA SER A 39 10.08 -5.27 3.92
C SER A 39 11.44 -4.64 3.72
N GLY A 40 12.03 -4.11 4.77
CA GLY A 40 13.37 -3.49 4.60
C GLY A 40 14.42 -4.48 4.10
N CYS A 41 14.38 -5.71 4.63
CA CYS A 41 15.27 -6.79 4.20
C CYS A 41 15.04 -7.13 2.72
N LEU A 42 13.77 -7.19 2.33
CA LEU A 42 13.42 -7.51 0.91
C LEU A 42 13.90 -6.43 -0.03
N ARG A 43 13.74 -5.16 0.38
CA ARG A 43 14.21 -4.06 -0.50
C ARG A 43 15.72 -4.12 -0.62
N HIS A 44 16.40 -4.44 0.48
CA HIS A 44 17.86 -4.54 0.48
C HIS A 44 18.37 -5.57 -0.54
N VAL A 45 17.80 -6.77 -0.52
CA VAL A 45 18.21 -7.79 -1.47
C VAL A 45 17.53 -7.67 -2.83
N ARG A 46 16.54 -6.75 -2.91
N ARG A 46 16.51 -6.80 -2.91
CA ARG A 46 15.77 -6.42 -4.15
CA ARG A 46 15.79 -6.52 -4.16
C ARG A 46 14.93 -7.59 -4.66
C ARG A 46 15.06 -7.81 -4.60
N ARG A 47 14.29 -8.31 -3.73
N ARG A 47 14.25 -8.33 -3.69
CA ARG A 47 13.48 -9.49 -4.02
CA ARG A 47 13.48 -9.56 -3.92
C ARG A 47 12.08 -9.39 -3.43
C ARG A 47 12.05 -9.38 -3.39
N SER A 48 11.12 -10.18 -3.94
CA SER A 48 9.79 -10.21 -3.34
CA SER A 48 9.76 -10.26 -3.43
C SER A 48 9.72 -11.29 -2.26
N ARG A 49 8.78 -11.13 -1.36
CA ARG A 49 8.61 -12.07 -0.24
C ARG A 49 8.38 -13.49 -0.75
N ASP A 50 7.58 -13.65 -1.81
CA ASP A 50 7.29 -14.99 -2.36
CA ASP A 50 7.32 -15.03 -2.25
C ASP A 50 8.52 -15.72 -2.93
N GLU A 51 9.52 -14.96 -3.35
CA GLU A 51 10.76 -15.54 -3.86
C GLU A 51 11.63 -16.12 -2.76
N LEU A 52 11.52 -15.57 -1.55
CA LEU A 52 12.42 -16.00 -0.46
C LEU A 52 11.78 -16.85 0.59
N LEU A 53 10.51 -16.59 0.95
CA LEU A 53 9.89 -17.34 2.08
C LEU A 53 9.86 -18.85 1.86
N GLY A 54 10.31 -19.62 2.87
CA GLY A 54 10.36 -21.05 2.78
C GLY A 54 11.54 -21.65 2.04
N ARG A 55 12.40 -20.81 1.48
CA ARG A 55 13.54 -21.31 0.73
C ARG A 55 14.80 -21.35 1.62
N VAL A 56 15.66 -22.32 1.36
CA VAL A 56 16.94 -22.41 2.03
C VAL A 56 17.76 -21.19 1.62
N VAL A 57 18.29 -20.47 2.61
CA VAL A 57 18.88 -19.15 2.38
C VAL A 57 20.01 -19.22 1.34
N THR A 58 20.83 -20.26 1.40
CA THR A 58 21.95 -20.38 0.44
C THR A 58 21.48 -20.62 -0.97
N GLU A 59 20.25 -21.08 -1.14
CA GLU A 59 19.76 -21.35 -2.48
C GLU A 59 19.29 -20.08 -3.16
N VAL A 60 18.63 -19.22 -2.40
CA VAL A 60 18.04 -18.03 -2.99
C VAL A 60 18.93 -16.83 -2.83
N LEU A 61 19.84 -16.87 -1.84
CA LEU A 61 20.83 -15.81 -1.63
C LEU A 61 22.26 -16.40 -1.72
N PRO A 62 22.66 -16.92 -2.90
CA PRO A 62 23.89 -17.75 -2.92
C PRO A 62 25.14 -16.86 -2.71
N GLU A 63 25.00 -15.56 -2.91
CA GLU A 63 26.13 -14.63 -2.71
C GLU A 63 26.59 -14.70 -1.25
N THR A 64 25.71 -15.11 -0.34
CA THR A 64 26.11 -15.19 1.08
C THR A 64 27.03 -16.35 1.41
N GLN A 65 27.02 -17.39 0.57
N GLN A 65 27.00 -17.41 0.60
CA GLN A 65 27.89 -18.56 0.82
CA GLN A 65 27.91 -18.54 0.83
C GLN A 65 29.37 -18.24 0.61
C GLN A 65 29.34 -18.06 0.73
N GLY A 66 30.19 -18.56 1.62
CA GLY A 66 31.63 -18.27 1.60
C GLY A 66 31.94 -16.83 1.97
N SER A 67 30.94 -16.07 2.42
CA SER A 67 31.11 -14.67 2.77
C SER A 67 31.20 -14.53 4.31
N TYR A 68 31.35 -13.29 4.78
CA TYR A 68 31.39 -13.00 6.23
C TYR A 68 30.11 -13.50 6.87
N PHE A 69 29.01 -13.48 6.10
CA PHE A 69 27.68 -13.80 6.63
C PHE A 69 27.56 -15.31 6.93
N ASP A 70 28.18 -16.10 6.06
CA ASP A 70 28.28 -17.55 6.20
C ASP A 70 28.99 -17.83 7.57
N ALA A 71 30.15 -17.21 7.76
CA ALA A 71 30.93 -17.40 9.00
C ALA A 71 30.10 -16.93 10.21
N LEU A 72 29.42 -15.80 10.06
CA LEU A 72 28.65 -15.21 11.15
C LEU A 72 27.56 -16.19 11.62
N CYS A 73 26.79 -16.74 10.67
CA CYS A 73 25.71 -17.69 10.99
C CYS A 73 26.26 -18.97 11.57
N ARG A 74 27.39 -19.47 11.03
CA ARG A 74 27.96 -20.69 11.56
CA ARG A 74 27.99 -20.69 11.55
C ARG A 74 28.35 -20.54 13.02
N LYS A 75 28.90 -19.39 13.36
N LYS A 75 28.92 -19.39 13.37
N LYS A 75 28.88 -19.39 13.40
CA LYS A 75 29.32 -19.15 14.72
CA LYS A 75 29.30 -19.13 14.76
CA LYS A 75 29.30 -19.20 14.77
C LYS A 75 28.14 -19.12 15.71
C LYS A 75 28.12 -19.16 15.71
C LYS A 75 28.12 -19.14 15.72
N VAL A 76 27.00 -18.57 15.29
CA VAL A 76 25.77 -18.56 16.12
C VAL A 76 25.30 -20.00 16.30
N LEU A 77 25.31 -20.77 15.21
CA LEU A 77 24.83 -22.17 15.31
C LEU A 77 25.74 -23.02 16.16
N ALA A 78 27.06 -22.74 16.14
CA ALA A 78 28.02 -23.57 16.86
C ALA A 78 28.18 -23.20 18.34
N THR A 79 27.88 -21.95 18.68
CA THR A 79 28.14 -21.45 20.06
C THR A 79 26.88 -21.03 20.82
N GLY A 80 25.80 -20.79 20.09
CA GLY A 80 24.57 -20.11 20.56
C GLY A 80 24.66 -18.62 20.89
N ARG A 81 25.84 -18.05 20.72
N ARG A 81 25.86 -18.06 20.73
CA ARG A 81 26.05 -16.71 21.15
CA ARG A 81 26.16 -16.69 21.16
C ARG A 81 25.76 -15.78 20.00
C ARG A 81 25.96 -15.70 20.03
N GLU A 82 25.38 -14.56 20.38
CA GLU A 82 25.13 -13.47 19.43
C GLU A 82 26.48 -13.06 18.84
N GLN A 83 26.47 -12.76 17.55
CA GLN A 83 27.64 -12.29 16.81
C GLN A 83 27.31 -10.99 16.11
N GLN A 84 28.28 -10.10 16.03
CA GLN A 84 28.09 -8.81 15.39
C GLN A 84 29.38 -8.45 14.66
N THR A 85 29.23 -7.84 13.48
CA THR A 85 30.40 -7.45 12.70
C THR A 85 30.09 -6.22 11.87
N ARG A 86 31.13 -5.47 11.52
N ARG A 86 31.13 -5.45 11.56
CA ARG A 86 30.97 -4.29 10.69
CA ARG A 86 30.99 -4.32 10.66
C ARG A 86 31.72 -4.56 9.38
C ARG A 86 31.71 -4.67 9.37
N VAL A 87 30.99 -4.54 8.26
CA VAL A 87 31.52 -4.98 6.97
C VAL A 87 30.95 -4.13 5.85
N ASP A 88 31.59 -4.16 4.68
CA ASP A 88 30.96 -3.62 3.48
CA ASP A 88 30.98 -3.65 3.45
C ASP A 88 29.84 -4.57 3.07
N SER A 89 28.69 -4.01 2.67
CA SER A 89 27.53 -4.81 2.30
C SER A 89 27.73 -5.65 1.02
N LEU A 90 27.31 -6.91 1.05
CA LEU A 90 27.30 -7.77 -0.13
C LEU A 90 26.31 -7.28 -1.16
N TYR A 91 25.11 -6.92 -0.71
CA TYR A 91 24.05 -6.57 -1.65
C TYR A 91 24.03 -5.09 -2.05
N SER A 92 24.73 -4.26 -1.29
CA SER A 92 24.85 -2.81 -1.60
C SER A 92 26.31 -2.35 -1.36
N PRO A 93 27.26 -2.80 -2.21
CA PRO A 93 28.68 -2.42 -2.05
C PRO A 93 28.84 -0.90 -1.99
N GLY A 94 29.63 -0.46 -1.01
CA GLY A 94 29.86 0.95 -0.74
C GLY A 94 29.02 1.34 0.46
N MSE A 95 28.11 0.46 0.87
CA MSE A 95 27.34 0.71 2.07
C MSE A 95 27.98 -0.02 3.26
O MSE A 95 27.99 -1.25 3.31
CB MSE A 95 25.88 0.24 1.91
CG MSE A 95 25.02 0.44 3.18
SE MSE A 95 23.24 -0.39 3.17
CE MSE A 95 22.47 0.79 1.83
N THR A 96 28.48 0.73 4.22
CA THR A 96 29.01 0.13 5.43
C THR A 96 27.83 -0.32 6.29
N ILE A 97 27.83 -1.58 6.72
CA ILE A 97 26.72 -2.06 7.56
C ILE A 97 27.25 -2.74 8.83
N GLU A 98 26.41 -2.72 9.87
CA GLU A 98 26.66 -3.55 11.03
C GLU A 98 25.64 -4.67 10.98
N VAL A 99 26.10 -5.92 11.07
CA VAL A 99 25.23 -7.10 10.91
C VAL A 99 25.26 -7.87 12.24
N THR A 100 24.08 -8.29 12.69
CA THR A 100 23.94 -8.98 14.00
C THR A 100 23.20 -10.29 13.70
N ALA A 101 23.67 -11.36 14.30
CA ALA A 101 22.99 -12.64 14.20
C ALA A 101 22.88 -13.24 15.59
N ALA A 102 21.70 -13.76 15.93
CA ALA A 102 21.50 -14.30 17.27
C ALA A 102 20.42 -15.34 17.24
N ALA A 103 20.43 -16.22 18.21
CA ALA A 103 19.37 -17.19 18.32
C ALA A 103 18.22 -16.51 19.07
N ASP A 104 17.00 -16.76 18.66
CA ASP A 104 15.87 -16.25 19.41
C ASP A 104 14.81 -17.32 19.20
N SER A 105 14.41 -18.01 20.27
N SER A 105 14.44 -18.06 20.24
CA SER A 105 13.46 -19.15 20.22
CA SER A 105 13.40 -19.12 20.14
C SER A 105 13.66 -20.21 19.13
C SER A 105 13.63 -20.27 19.16
N GLY A 106 14.85 -20.79 19.06
CA GLY A 106 15.11 -21.86 18.09
C GLY A 106 15.33 -21.34 16.68
N ALA A 107 14.97 -20.06 16.42
CA ALA A 107 15.31 -19.45 15.12
C ALA A 107 16.62 -18.68 15.20
N LEU A 108 17.23 -18.53 14.03
CA LEU A 108 18.41 -17.74 13.90
C LEU A 108 17.94 -16.40 13.30
N VAL A 109 18.09 -15.33 14.07
CA VAL A 109 17.53 -14.05 13.66
C VAL A 109 18.69 -13.11 13.29
N VAL A 110 18.60 -12.51 12.10
CA VAL A 110 19.64 -11.62 11.60
CA VAL A 110 19.65 -11.60 11.64
C VAL A 110 19.06 -10.26 11.29
N HIS A 111 19.81 -9.20 11.59
CA HIS A 111 19.41 -7.85 11.18
C HIS A 111 20.64 -7.07 10.75
N PHE A 112 20.45 -5.95 10.03
CA PHE A 112 21.59 -5.16 9.66
C PHE A 112 21.19 -3.70 9.74
N ARG A 113 22.20 -2.87 9.94
CA ARG A 113 22.01 -1.43 10.05
C ARG A 113 23.04 -0.72 9.19
N ASP A 114 22.59 0.22 8.36
CA ASP A 114 23.48 1.06 7.55
C ASP A 114 24.27 2.00 8.44
N VAL A 115 25.59 1.85 8.45
CA VAL A 115 26.44 2.70 9.26
C VAL A 115 27.36 3.56 8.40
N THR A 116 26.97 3.81 7.15
CA THR A 116 27.86 4.49 6.20
C THR A 116 28.24 5.90 6.72
N ALA A 117 27.27 6.59 7.33
CA ALA A 117 27.55 7.88 8.01
C ALA A 117 27.92 7.68 9.49
N GLU A 118 29.09 7.10 9.74
CA GLU A 118 29.59 6.96 11.11
C GLU A 118 31.11 7.11 11.11
N ARG B 14 -12.03 -21.23 20.78
CA ARG B 14 -11.30 -21.26 19.49
C ARG B 14 -11.58 -20.01 18.63
N GLU B 15 -11.67 -18.85 19.29
CA GLU B 15 -11.87 -17.59 18.58
C GLU B 15 -10.77 -17.25 17.54
N ASN B 16 -11.20 -16.66 16.42
CA ASN B 16 -10.28 -16.20 15.37
C ASN B 16 -10.79 -14.91 14.78
N LEU B 17 -10.12 -14.38 13.75
CA LEU B 17 -10.52 -13.08 13.19
C LEU B 17 -11.98 -13.04 12.72
N TYR B 18 -12.55 -14.17 12.31
CA TYR B 18 -13.92 -14.13 11.81
C TYR B 18 -14.93 -14.38 12.93
N PHE B 19 -14.77 -15.48 13.68
CA PHE B 19 -15.57 -15.72 14.88
C PHE B 19 -14.84 -15.23 16.12
N GLN B 20 -15.08 -13.98 16.48
CA GLN B 20 -14.31 -13.35 17.55
C GLN B 20 -14.78 -13.63 18.97
N GLY B 21 -16.02 -14.11 19.09
CA GLY B 21 -16.57 -14.44 20.40
C GLY B 21 -16.55 -13.26 21.35
N GLY B 22 -16.69 -12.06 20.81
CA GLY B 22 -16.70 -10.84 21.63
C GLY B 22 -15.37 -10.48 22.30
N LEU B 23 -14.28 -11.13 21.87
CA LEU B 23 -12.93 -10.82 22.36
C LEU B 23 -12.27 -9.72 21.57
N GLY B 24 -11.30 -9.06 22.22
CA GLY B 24 -10.49 -8.03 21.57
C GLY B 24 -9.46 -8.70 20.68
N PHE B 25 -9.32 -8.16 19.45
CA PHE B 25 -8.42 -8.75 18.44
C PHE B 25 -7.61 -7.63 17.83
N MSE B 26 -6.36 -7.94 17.44
CA MSE B 26 -5.55 -7.04 16.71
C MSE B 26 -4.74 -7.90 15.73
O MSE B 26 -4.35 -9.00 16.10
CB MSE B 26 -4.57 -6.33 17.63
CG MSE B 26 -3.65 -5.34 16.89
SE MSE B 26 -2.52 -4.33 18.20
CE MSE B 26 -1.43 -5.74 18.87
N ALA B 27 -4.49 -7.40 14.52
CA ALA B 27 -3.61 -8.12 13.60
C ALA B 27 -2.48 -7.19 13.19
N LEU B 28 -1.29 -7.79 13.11
CA LEU B 28 -0.08 -7.07 12.72
C LEU B 28 0.41 -7.64 11.39
N ASP B 29 0.89 -6.77 10.52
CA ASP B 29 1.51 -7.24 9.26
C ASP B 29 2.98 -7.66 9.44
N GLU B 30 3.66 -7.94 8.30
CA GLU B 30 5.00 -8.50 8.38
C GLU B 30 6.00 -7.48 8.88
N ASP B 31 5.64 -6.21 8.86
CA ASP B 31 6.51 -5.16 9.43
C ASP B 31 6.02 -4.69 10.81
N LEU B 32 5.17 -5.51 11.40
CA LEU B 32 4.53 -5.26 12.72
C LEU B 32 3.67 -3.98 12.74
N ARG B 33 3.14 -3.60 11.58
CA ARG B 33 2.19 -2.45 11.55
C ARG B 33 0.83 -2.97 11.93
N ILE B 34 0.08 -2.20 12.74
CA ILE B 34 -1.29 -2.58 13.08
C ILE B 34 -2.19 -2.46 11.87
N ILE B 35 -2.73 -3.59 11.41
CA ILE B 35 -3.57 -3.53 10.20
C ILE B 35 -5.03 -3.86 10.46
N TYR B 36 -5.31 -4.30 11.69
CA TYR B 36 -6.70 -4.61 12.05
C TYR B 36 -6.82 -4.47 13.55
N VAL B 37 -7.88 -3.80 14.01
CA VAL B 37 -8.23 -3.82 15.43
C VAL B 37 -9.76 -3.79 15.53
N ASN B 38 -10.29 -4.42 16.56
CA ASN B 38 -11.74 -4.32 16.80
C ASN B 38 -12.07 -3.43 18.01
N SER B 39 -13.35 -3.24 18.26
CA SER B 39 -13.81 -2.41 19.39
C SER B 39 -13.26 -2.83 20.75
N GLY B 40 -13.23 -4.13 21.00
CA GLY B 40 -12.68 -4.67 22.24
C GLY B 40 -11.24 -4.21 22.48
N CYS B 41 -10.43 -4.32 21.43
N CYS B 41 -10.43 -4.29 21.43
CA CYS B 41 -9.05 -3.88 21.48
CA CYS B 41 -9.04 -3.87 21.51
C CYS B 41 -8.96 -2.37 21.74
C CYS B 41 -8.95 -2.36 21.74
N LEU B 42 -9.76 -1.62 20.99
CA LEU B 42 -9.74 -0.14 21.04
C LEU B 42 -10.17 0.37 22.40
N ARG B 43 -11.21 -0.25 22.96
CA ARG B 43 -11.70 0.09 24.29
CA ARG B 43 -11.69 0.12 24.30
C ARG B 43 -10.61 -0.18 25.34
N HIS B 44 -9.94 -1.34 25.18
CA HIS B 44 -8.90 -1.76 26.11
C HIS B 44 -7.71 -0.78 26.18
N VAL B 45 -7.18 -0.39 25.04
CA VAL B 45 -6.06 0.58 25.04
C VAL B 45 -6.52 2.03 25.08
N ARG B 46 -7.84 2.25 25.01
CA ARG B 46 -8.42 3.60 25.02
CA ARG B 46 -8.41 3.60 25.03
C ARG B 46 -7.87 4.49 23.88
N ARG B 47 -7.96 3.97 22.66
CA ARG B 47 -7.54 4.70 21.46
C ARG B 47 -8.58 4.50 20.38
N SER B 48 -8.64 5.40 19.42
CA SER B 48 -9.55 5.20 18.30
C SER B 48 -8.84 4.38 17.20
N ARG B 49 -9.64 3.84 16.28
CA ARG B 49 -9.13 3.10 15.14
CA ARG B 49 -9.13 3.10 15.15
C ARG B 49 -8.08 3.94 14.40
N ASP B 50 -8.41 5.22 14.10
CA ASP B 50 -7.48 6.05 13.33
C ASP B 50 -6.19 6.38 14.07
N GLU B 51 -6.22 6.28 15.39
CA GLU B 51 -5.01 6.47 16.17
C GLU B 51 -4.00 5.34 16.06
N LEU B 52 -4.49 4.13 15.73
CA LEU B 52 -3.60 2.97 15.70
C LEU B 52 -3.32 2.41 14.34
N LEU B 53 -4.32 2.45 13.45
CA LEU B 53 -4.18 1.73 12.18
CA LEU B 53 -4.22 1.77 12.15
C LEU B 53 -3.01 2.26 11.35
N GLY B 54 -2.22 1.31 10.84
CA GLY B 54 -1.04 1.62 10.00
C GLY B 54 0.24 1.91 10.76
N ARG B 55 0.16 2.07 12.07
CA ARG B 55 1.35 2.39 12.85
C ARG B 55 2.09 1.15 13.28
N VAL B 56 3.41 1.25 13.36
CA VAL B 56 4.23 0.16 13.91
C VAL B 56 3.84 -0.01 15.38
N VAL B 57 3.64 -1.26 15.81
CA VAL B 57 2.99 -1.51 17.10
C VAL B 57 3.81 -0.89 18.23
N THR B 58 5.13 -0.96 18.15
CA THR B 58 5.97 -0.40 19.21
C THR B 58 6.00 1.14 19.23
N GLU B 59 5.58 1.79 18.15
CA GLU B 59 5.55 3.26 18.11
CA GLU B 59 5.55 3.24 18.11
C GLU B 59 4.29 3.74 18.79
N VAL B 60 3.17 3.11 18.49
CA VAL B 60 1.92 3.58 19.12
C VAL B 60 1.58 2.91 20.46
N LEU B 61 2.10 1.70 20.67
CA LEU B 61 1.92 0.97 21.98
C LEU B 61 3.27 0.62 22.61
N PRO B 62 4.06 1.66 22.91
CA PRO B 62 5.46 1.41 23.23
C PRO B 62 5.61 0.61 24.54
N GLU B 63 4.58 0.67 25.37
CA GLU B 63 4.59 -0.06 26.63
C GLU B 63 4.73 -1.57 26.40
N THR B 64 4.37 -2.04 25.19
CA THR B 64 4.50 -3.49 24.89
C THR B 64 5.96 -3.91 24.67
N GLN B 65 6.80 -2.97 24.25
CA GLN B 65 8.23 -3.24 24.07
C GLN B 65 8.87 -3.70 25.39
N GLY B 66 9.52 -4.86 25.37
CA GLY B 66 10.23 -5.41 26.54
C GLY B 66 9.32 -6.11 27.54
N SER B 67 8.06 -6.27 27.20
CA SER B 67 7.06 -6.94 28.06
C SER B 67 6.86 -8.41 27.67
N TYR B 68 6.01 -9.14 28.42
CA TYR B 68 5.56 -10.49 28.07
C TYR B 68 5.00 -10.53 26.59
N PHE B 69 4.46 -9.40 26.10
CA PHE B 69 3.74 -9.38 24.83
C PHE B 69 4.76 -9.39 23.68
N ASP B 70 5.88 -8.72 23.94
CA ASP B 70 7.02 -8.64 23.03
C ASP B 70 7.58 -10.09 22.85
N ALA B 71 7.80 -10.79 23.94
CA ALA B 71 8.25 -12.19 23.90
C ALA B 71 7.26 -13.13 23.18
N LEU B 72 5.97 -12.96 23.45
CA LEU B 72 4.93 -13.81 22.85
C LEU B 72 4.97 -13.71 21.33
N CYS B 73 5.02 -12.45 20.87
CA CYS B 73 5.06 -12.15 19.42
C CYS B 73 6.31 -12.71 18.73
N ARG B 74 7.47 -12.54 19.36
CA ARG B 74 8.73 -13.08 18.80
C ARG B 74 8.64 -14.57 18.62
N LYS B 75 8.06 -15.27 19.60
CA LYS B 75 7.94 -16.71 19.48
C LYS B 75 7.08 -17.14 18.29
N VAL B 76 5.99 -16.41 18.02
CA VAL B 76 5.14 -16.72 16.88
C VAL B 76 5.92 -16.51 15.58
N LEU B 77 6.63 -15.39 15.48
CA LEU B 77 7.41 -15.09 14.27
C LEU B 77 8.49 -16.11 14.08
N ALA B 78 9.11 -16.54 15.18
CA ALA B 78 10.23 -17.47 15.06
C ALA B 78 9.86 -18.92 14.82
N THR B 79 8.67 -19.32 15.25
CA THR B 79 8.24 -20.74 15.21
C THR B 79 7.03 -20.98 14.29
N GLY B 80 6.23 -19.95 14.06
CA GLY B 80 4.91 -20.05 13.38
C GLY B 80 3.80 -20.71 14.18
N ARG B 81 4.09 -21.04 15.43
CA ARG B 81 3.15 -21.76 16.24
C ARG B 81 2.40 -20.84 17.16
N GLU B 82 1.16 -21.21 17.44
CA GLU B 82 0.29 -20.48 18.34
C GLU B 82 0.92 -20.43 19.73
N GLN B 83 0.82 -19.28 20.40
CA GLN B 83 1.36 -19.14 21.75
C GLN B 83 0.27 -18.54 22.66
N GLN B 84 0.24 -18.96 23.92
N GLN B 84 0.31 -18.89 23.94
CA GLN B 84 -0.74 -18.47 24.90
CA GLN B 84 -0.69 -18.40 24.88
C GLN B 84 -0.06 -18.16 26.23
C GLN B 84 -0.09 -18.18 26.25
N THR B 85 -0.59 -17.16 26.95
CA THR B 85 -0.05 -16.79 28.27
C THR B 85 -1.08 -16.05 29.13
N ARG B 86 -0.98 -16.23 30.45
CA ARG B 86 -1.86 -15.55 31.40
C ARG B 86 -1.05 -14.56 32.22
N VAL B 87 -1.48 -13.29 32.23
CA VAL B 87 -0.69 -12.21 32.86
C VAL B 87 -1.59 -11.09 33.38
N ASP B 88 -0.99 -10.18 34.16
CA ASP B 88 -1.62 -8.90 34.56
C ASP B 88 -1.54 -8.03 33.31
N SER B 89 -2.61 -7.32 33.00
CA SER B 89 -2.66 -6.50 31.79
C SER B 89 -1.76 -5.27 31.92
N LEU B 90 -1.08 -4.89 30.84
CA LEU B 90 -0.26 -3.69 30.82
C LEU B 90 -1.12 -2.45 30.79
N TYR B 91 -2.20 -2.50 30.01
CA TYR B 91 -3.04 -1.32 29.75
C TYR B 91 -4.14 -1.16 30.79
N SER B 92 -4.43 -2.24 31.52
CA SER B 92 -5.39 -2.14 32.61
C SER B 92 -4.91 -2.91 33.87
N PRO B 93 -3.89 -2.36 34.59
CA PRO B 93 -3.30 -3.04 35.74
C PRO B 93 -4.37 -3.49 36.74
N GLY B 94 -4.32 -4.77 37.08
CA GLY B 94 -5.28 -5.38 37.98
C GLY B 94 -6.25 -6.28 37.27
N MSE B 95 -6.32 -6.12 35.94
CA MSE B 95 -7.14 -7.03 35.14
C MSE B 95 -6.24 -8.17 34.76
O MSE B 95 -5.21 -7.96 34.13
CB MSE B 95 -7.60 -6.35 33.85
CG MSE B 95 -8.60 -7.18 33.08
SE MSE B 95 -8.95 -6.45 31.32
CE MSE B 95 -10.23 -5.10 31.92
N THR B 96 -6.64 -9.38 35.12
CA THR B 96 -5.89 -10.56 34.68
C THR B 96 -6.43 -11.03 33.32
N ILE B 97 -5.51 -11.23 32.37
CA ILE B 97 -5.90 -11.60 31.02
C ILE B 97 -5.12 -12.79 30.49
N GLU B 98 -5.76 -13.50 29.57
CA GLU B 98 -5.13 -14.56 28.80
C GLU B 98 -4.98 -14.07 27.37
N VAL B 99 -3.75 -14.09 26.89
CA VAL B 99 -3.39 -13.48 25.59
C VAL B 99 -2.92 -14.59 24.64
N THR B 100 -3.44 -14.62 23.41
CA THR B 100 -3.13 -15.70 22.48
C THR B 100 -2.63 -15.05 21.20
N ALA B 101 -1.53 -15.56 20.65
CA ALA B 101 -0.94 -14.99 19.42
C ALA B 101 -0.71 -16.13 18.44
N ALA B 102 -1.01 -15.89 17.16
CA ALA B 102 -0.88 -16.97 16.16
C ALA B 102 -0.69 -16.33 14.79
N ALA B 103 -0.15 -17.11 13.85
CA ALA B 103 -0.03 -16.67 12.47
C ALA B 103 -1.30 -17.01 11.74
N ASP B 104 -1.77 -16.06 10.93
CA ASP B 104 -2.86 -16.31 10.02
C ASP B 104 -2.59 -15.56 8.69
N SER B 105 -2.40 -16.39 7.66
N SER B 105 -2.18 -16.26 7.64
CA SER B 105 -2.13 -15.98 6.29
CA SER B 105 -1.79 -15.66 6.30
C SER B 105 -1.32 -14.73 6.31
C SER B 105 -0.69 -14.57 6.24
N GLY B 106 -2.01 -13.67 5.99
N GLY B 106 0.41 -14.76 6.96
CA GLY B 106 -1.47 -12.36 6.09
CA GLY B 106 1.55 -13.84 6.90
C GLY B 106 -0.71 -12.04 7.37
C GLY B 106 1.40 -12.76 7.95
N ALA B 107 -1.19 -12.48 8.54
N ALA B 107 0.22 -12.72 8.55
CA ALA B 107 -0.89 -11.69 9.73
CA ALA B 107 -0.09 -11.77 9.58
C ALA B 107 -0.50 -12.40 11.05
C ALA B 107 0.07 -12.46 10.92
N LEU B 108 0.15 -11.65 11.94
CA LEU B 108 0.31 -12.10 13.34
C LEU B 108 -0.96 -11.61 14.01
N VAL B 109 -1.82 -12.54 14.43
CA VAL B 109 -3.14 -12.21 14.99
C VAL B 109 -3.13 -12.47 16.48
N VAL B 110 -3.42 -11.43 17.26
CA VAL B 110 -3.44 -11.55 18.72
C VAL B 110 -4.86 -11.33 19.25
N HIS B 111 -5.27 -12.08 20.29
CA HIS B 111 -6.51 -11.75 20.99
C HIS B 111 -6.30 -11.91 22.51
N PHE B 112 -7.17 -11.29 23.30
CA PHE B 112 -7.06 -11.42 24.74
C PHE B 112 -8.45 -11.58 25.36
N ARG B 113 -8.46 -12.17 26.53
CA ARG B 113 -9.69 -12.45 27.24
C ARG B 113 -9.49 -12.06 28.69
N ASP B 114 -10.48 -11.36 29.26
CA ASP B 114 -10.45 -10.91 30.66
C ASP B 114 -10.82 -12.13 31.49
N VAL B 115 -9.86 -12.60 32.27
CA VAL B 115 -10.10 -13.78 33.10
C VAL B 115 -10.06 -13.42 34.58
N THR B 116 -10.28 -12.13 34.89
CA THR B 116 -10.23 -11.62 36.26
C THR B 116 -11.22 -12.35 37.17
N ALA B 117 -12.44 -12.53 36.67
CA ALA B 117 -13.54 -13.23 37.38
C ALA B 117 -13.30 -14.74 37.56
N GLU B 118 -12.17 -15.22 37.05
CA GLU B 118 -11.74 -16.61 37.20
C GLU B 118 -10.81 -16.75 38.42
N SER C 12 11.54 26.02 -2.03
CA SER C 12 10.84 24.76 -2.44
C SER C 12 11.85 23.63 -2.64
N GLY C 13 11.38 22.49 -3.15
CA GLY C 13 12.23 21.34 -3.44
C GLY C 13 12.56 21.18 -4.92
N ARG C 14 11.52 21.01 -5.73
CA ARG C 14 11.65 20.72 -7.16
C ARG C 14 12.61 19.53 -7.52
N GLU C 15 12.42 18.47 -6.75
CA GLU C 15 12.97 17.15 -7.03
C GLU C 15 12.44 16.69 -8.38
N ASN C 16 13.19 15.89 -9.11
CA ASN C 16 12.69 15.23 -10.31
C ASN C 16 13.26 13.82 -10.39
N LEU C 17 13.04 13.14 -11.50
CA LEU C 17 13.45 11.76 -11.63
C LEU C 17 14.97 11.56 -11.47
N TYR C 18 15.75 12.58 -11.81
CA TYR C 18 17.21 12.55 -11.65
C TYR C 18 17.70 12.99 -10.27
N PHE C 19 17.20 14.12 -9.78
CA PHE C 19 17.55 14.54 -8.44
C PHE C 19 16.36 14.27 -7.52
N GLN C 20 16.36 13.13 -6.84
CA GLN C 20 15.15 12.72 -6.14
C GLN C 20 15.00 13.26 -4.73
N GLY C 21 16.10 13.80 -4.19
CA GLY C 21 16.09 14.41 -2.86
C GLY C 21 15.56 13.50 -1.76
N GLY C 22 15.84 12.22 -1.88
CA GLY C 22 15.42 11.25 -0.89
C GLY C 22 13.94 10.90 -0.91
N LEU C 23 13.19 11.36 -1.92
CA LEU C 23 11.74 11.16 -1.96
C LEU C 23 11.37 9.89 -2.75
N GLY C 24 10.20 9.34 -2.46
CA GLY C 24 9.68 8.25 -3.26
C GLY C 24 9.17 8.71 -4.61
N PHE C 25 9.53 7.97 -5.66
CA PHE C 25 9.21 8.32 -7.07
C PHE C 25 8.66 7.11 -7.76
N MSE C 26 7.70 7.35 -8.66
CA MSE C 26 7.19 6.30 -9.53
C MSE C 26 6.96 6.94 -10.89
O MSE C 26 6.55 8.07 -10.90
CB MSE C 26 5.84 5.81 -9.00
CG MSE C 26 5.28 4.74 -9.88
SE MSE C 26 3.62 3.96 -9.06
CE MSE C 26 2.41 5.47 -9.23
N ALA C 27 7.25 6.22 -11.99
CA ALA C 27 6.84 6.76 -13.30
C ALA C 27 5.92 5.74 -13.96
N LEU C 28 4.94 6.29 -14.67
CA LEU C 28 4.01 5.48 -15.44
C LEU C 28 4.16 5.85 -16.90
N ASP C 29 4.06 4.85 -17.77
CA ASP C 29 4.07 5.18 -19.18
C ASP C 29 2.70 5.68 -19.67
N GLU C 30 2.60 5.96 -20.98
CA GLU C 30 1.34 6.54 -21.42
CA GLU C 30 1.39 6.47 -21.61
C GLU C 30 0.20 5.53 -21.43
N ASP C 31 0.50 4.26 -21.21
CA ASP C 31 -0.54 3.30 -21.00
C ASP C 31 -0.80 2.96 -19.53
N LEU C 32 -0.28 3.81 -18.65
CA LEU C 32 -0.44 3.68 -17.20
C LEU C 32 0.24 2.43 -16.60
N ARG C 33 1.17 1.81 -17.34
CA ARG C 33 2.08 0.77 -16.84
CA ARG C 33 2.02 0.77 -16.77
C ARG C 33 3.12 1.41 -15.93
N ILE C 34 3.44 0.77 -14.82
CA ILE C 34 4.52 1.25 -13.94
C ILE C 34 5.84 0.90 -14.61
N ILE C 35 6.65 1.91 -14.95
CA ILE C 35 7.89 1.61 -15.64
C ILE C 35 9.10 1.93 -14.81
N TYR C 36 8.88 2.60 -13.71
CA TYR C 36 10.02 2.99 -12.83
C TYR C 36 9.51 3.13 -11.38
N VAL C 37 10.24 2.58 -10.40
CA VAL C 37 9.95 2.88 -8.98
C VAL C 37 11.27 2.90 -8.27
N ASN C 38 11.43 3.82 -7.30
CA ASN C 38 12.64 3.73 -6.45
C ASN C 38 12.36 3.13 -5.06
N SER C 39 13.39 3.01 -4.24
CA SER C 39 13.27 2.37 -2.92
C SER C 39 12.24 3.03 -2.04
N GLY C 40 12.25 4.37 -2.05
CA GLY C 40 11.30 5.17 -1.25
C GLY C 40 9.87 4.83 -1.62
N CYS C 41 9.61 4.67 -2.91
CA CYS C 41 8.28 4.27 -3.37
C CYS C 41 7.95 2.85 -2.87
N LEU C 42 8.91 1.93 -2.97
CA LEU C 42 8.67 0.51 -2.55
C LEU C 42 8.43 0.46 -1.04
N ARG C 43 9.17 1.25 -0.26
CA ARG C 43 8.98 1.29 1.21
CA ARG C 43 8.97 1.28 1.21
C ARG C 43 7.55 1.75 1.54
N HIS C 44 7.10 2.78 0.82
CA HIS C 44 5.80 3.41 1.07
C HIS C 44 4.62 2.49 0.80
N VAL C 45 4.66 1.78 -0.33
CA VAL C 45 3.54 0.87 -0.72
C VAL C 45 3.75 -0.57 -0.25
N ARG C 46 4.88 -0.83 0.37
CA ARG C 46 5.23 -2.17 0.88
C ARG C 46 5.07 -3.26 -0.19
N ARG C 47 5.60 -2.98 -1.38
CA ARG C 47 5.63 -3.96 -2.46
CA ARG C 47 5.64 -3.96 -2.47
C ARG C 47 7.07 -4.05 -2.98
N SER C 48 7.38 -5.13 -3.68
CA SER C 48 8.70 -5.23 -4.33
C SER C 48 8.73 -4.64 -5.74
N ARG C 49 9.92 -4.33 -6.24
CA ARG C 49 10.00 -3.86 -7.65
C ARG C 49 9.33 -4.84 -8.64
N ASP C 50 9.62 -6.13 -8.48
CA ASP C 50 9.12 -7.09 -9.46
CA ASP C 50 9.12 -7.17 -9.38
C ASP C 50 7.61 -7.30 -9.36
N GLU C 51 7.02 -6.98 -8.21
CA GLU C 51 5.57 -6.98 -8.08
C GLU C 51 4.90 -5.87 -8.89
N LEU C 52 5.58 -4.77 -9.11
CA LEU C 52 4.99 -3.61 -9.72
C LEU C 52 5.35 -3.40 -11.18
N LEU C 53 6.61 -3.65 -11.52
CA LEU C 53 7.12 -3.26 -12.84
CA LEU C 53 7.15 -3.28 -12.82
C LEU C 53 6.35 -3.88 -13.98
N GLY C 54 5.96 -3.04 -14.93
CA GLY C 54 5.30 -3.46 -16.16
C GLY C 54 3.82 -3.64 -16.00
N ARG C 55 3.31 -3.45 -14.78
CA ARG C 55 1.89 -3.75 -14.50
C ARG C 55 1.08 -2.47 -14.57
N VAL C 56 -0.18 -2.57 -14.99
CA VAL C 56 -1.06 -1.41 -15.05
C VAL C 56 -1.26 -0.95 -13.59
N VAL C 57 -1.19 0.34 -13.35
CA VAL C 57 -1.12 0.85 -11.96
C VAL C 57 -2.32 0.46 -11.09
N THR C 58 -3.52 0.48 -11.67
CA THR C 58 -4.73 0.18 -10.88
C THR C 58 -4.87 -1.31 -10.55
N GLU C 59 -4.16 -2.14 -11.30
CA GLU C 59 -4.16 -3.56 -10.98
C GLU C 59 -3.33 -3.90 -9.77
N VAL C 60 -2.19 -3.22 -9.62
CA VAL C 60 -1.26 -3.61 -8.56
C VAL C 60 -1.29 -2.63 -7.40
N LEU C 61 -1.78 -1.42 -7.65
CA LEU C 61 -2.10 -0.42 -6.60
C LEU C 61 -3.60 -0.08 -6.65
N PRO C 62 -4.47 -1.09 -6.39
CA PRO C 62 -5.91 -0.88 -6.56
C PRO C 62 -6.52 0.20 -5.66
N GLU C 63 -5.89 0.45 -4.52
CA GLU C 63 -6.33 1.48 -3.58
C GLU C 63 -6.36 2.87 -4.24
N THR C 64 -5.54 3.06 -5.27
CA THR C 64 -5.47 4.37 -5.93
C THR C 64 -6.68 4.65 -6.80
N GLN C 65 -7.37 3.62 -7.23
CA GLN C 65 -8.51 3.82 -8.12
C GLN C 65 -9.65 4.56 -7.42
N GLY C 66 -10.17 5.59 -8.09
CA GLY C 66 -11.24 6.43 -7.55
C GLY C 66 -10.85 7.28 -6.36
N SER C 67 -9.56 7.31 -6.02
CA SER C 67 -9.03 8.15 -4.93
C SER C 67 -8.59 9.51 -5.42
N TYR C 68 -8.09 10.35 -4.51
CA TYR C 68 -7.56 11.67 -4.92
C TYR C 68 -6.43 11.48 -5.95
N PHE C 69 -5.75 10.35 -5.88
CA PHE C 69 -4.52 10.12 -6.69
C PHE C 69 -4.90 9.83 -8.14
N ASP C 70 -6.02 9.12 -8.32
CA ASP C 70 -6.68 8.92 -9.59
C ASP C 70 -6.98 10.30 -10.24
N ALA C 71 -7.65 11.19 -9.49
CA ALA C 71 -8.00 12.50 -10.00
C ALA C 71 -6.74 13.32 -10.36
N LEU C 72 -5.73 13.20 -9.50
CA LEU C 72 -4.48 13.94 -9.73
C LEU C 72 -3.88 13.54 -11.07
N CYS C 73 -3.78 12.23 -11.29
CA CYS C 73 -3.19 11.71 -12.52
C CYS C 73 -4.00 12.07 -13.75
N ARG C 74 -5.34 12.03 -13.64
CA ARG C 74 -6.23 12.42 -14.75
CA ARG C 74 -6.18 12.40 -14.77
C ARG C 74 -5.99 13.87 -15.13
N LYS C 75 -5.86 14.74 -14.13
CA LYS C 75 -5.57 16.16 -14.37
C LYS C 75 -4.23 16.40 -15.11
N VAL C 76 -3.17 15.68 -14.75
CA VAL C 76 -1.90 15.80 -15.49
C VAL C 76 -2.08 15.34 -16.93
N LEU C 77 -2.73 14.19 -17.11
CA LEU C 77 -2.93 13.69 -18.46
C LEU C 77 -3.80 14.62 -19.30
N ALA C 78 -4.83 15.20 -18.69
CA ALA C 78 -5.78 16.05 -19.42
C ALA C 78 -5.22 17.43 -19.77
N THR C 79 -4.18 17.87 -19.06
CA THR C 79 -3.64 19.23 -19.23
C THR C 79 -2.21 19.28 -19.73
N GLY C 80 -1.46 18.21 -19.47
CA GLY C 80 -0.02 18.21 -19.69
C GLY C 80 0.74 19.04 -18.63
N ARG C 81 0.00 19.58 -17.65
CA ARG C 81 0.54 20.50 -16.64
CA ARG C 81 0.59 20.47 -16.67
C ARG C 81 0.79 19.82 -15.28
N GLU C 82 1.85 20.24 -14.60
CA GLU C 82 2.17 19.69 -13.27
C GLU C 82 1.03 19.97 -12.26
N GLN C 83 0.68 18.98 -11.44
CA GLN C 83 -0.34 19.15 -10.42
C GLN C 83 0.22 18.76 -9.07
N GLN C 84 -0.27 19.42 -8.03
CA GLN C 84 0.19 19.15 -6.67
CA GLN C 84 0.18 19.09 -6.68
C GLN C 84 -1.00 19.16 -5.73
N THR C 85 -1.01 18.25 -4.77
CA THR C 85 -2.04 18.26 -3.74
C THR C 85 -1.46 17.90 -2.36
N ARG C 86 -2.09 18.41 -1.31
CA ARG C 86 -1.75 18.06 0.06
C ARG C 86 -2.93 17.33 0.67
N VAL C 87 -2.71 16.09 1.06
CA VAL C 87 -3.76 15.18 1.47
C VAL C 87 -3.21 14.23 2.52
N ASP C 88 -4.10 13.49 3.17
CA ASP C 88 -3.70 12.40 4.05
CA ASP C 88 -3.69 12.41 4.05
C ASP C 88 -3.32 11.24 3.13
N SER C 89 -2.21 10.56 3.48
CA SER C 89 -1.71 9.43 2.69
C SER C 89 -2.65 8.23 2.65
N LEU C 90 -2.81 7.63 1.46
CA LEU C 90 -3.53 6.34 1.31
C LEU C 90 -2.78 5.18 1.95
N TYR C 91 -1.47 5.14 1.71
CA TYR C 91 -0.61 4.03 2.11
C TYR C 91 -0.06 4.15 3.53
N SER C 92 -0.02 5.38 4.04
CA SER C 92 0.38 5.61 5.44
C SER C 92 -0.68 6.43 6.18
N PRO C 93 -1.76 5.76 6.64
CA PRO C 93 -2.87 6.37 7.34
C PRO C 93 -2.45 7.46 8.37
N GLY C 94 -2.99 8.66 8.22
CA GLY C 94 -2.68 9.76 9.13
C GLY C 94 -1.40 10.56 8.84
N MSE C 95 -0.60 10.14 7.86
CA MSE C 95 0.58 10.92 7.44
C MSE C 95 0.10 12.01 6.45
O MSE C 95 -0.51 11.70 5.43
CB MSE C 95 1.66 10.02 6.79
CG MSE C 95 2.91 10.77 6.21
SE MSE C 95 4.14 9.77 5.01
CE MSE C 95 4.94 8.60 6.38
N THR C 96 0.37 13.27 6.76
CA THR C 96 0.08 14.34 5.82
C THR C 96 1.20 14.31 4.79
N ILE C 97 0.81 14.27 3.52
CA ILE C 97 1.77 14.28 2.40
C ILE C 97 1.47 15.34 1.36
N GLU C 98 2.52 15.70 0.64
CA GLU C 98 2.40 16.54 -0.54
C GLU C 98 2.74 15.64 -1.74
N VAL C 99 1.80 15.54 -2.68
CA VAL C 99 1.96 14.66 -3.85
C VAL C 99 2.04 15.52 -5.12
N THR C 100 3.08 15.28 -5.94
CA THR C 100 3.33 16.05 -7.13
C THR C 100 3.35 15.08 -8.32
N ALA C 101 2.66 15.45 -9.39
CA ALA C 101 2.62 14.62 -10.60
C ALA C 101 2.83 15.53 -11.78
N ALA C 102 3.63 15.08 -12.75
CA ALA C 102 3.90 15.92 -13.91
C ALA C 102 4.30 15.04 -15.06
N ALA C 103 4.24 15.61 -16.26
CA ALA C 103 4.73 14.94 -17.45
C ALA C 103 6.22 15.13 -17.47
N ASP C 104 6.97 14.09 -17.83
CA ASP C 104 8.42 14.25 -18.04
C ASP C 104 8.77 13.23 -19.11
N SER C 105 9.20 13.76 -20.26
CA SER C 105 9.74 12.95 -21.37
C SER C 105 8.81 11.82 -21.80
N GLY C 106 7.51 12.08 -21.88
CA GLY C 106 6.53 11.08 -22.32
C GLY C 106 5.87 10.30 -21.18
N ALA C 107 6.52 10.30 -20.01
CA ALA C 107 5.99 9.54 -18.85
C ALA C 107 5.22 10.43 -17.89
N LEU C 108 4.44 9.81 -17.02
CA LEU C 108 3.77 10.53 -15.96
C LEU C 108 4.60 10.24 -14.70
N VAL C 109 5.25 11.25 -14.13
CA VAL C 109 6.17 11.04 -13.01
C VAL C 109 5.54 11.61 -11.75
N VAL C 110 5.52 10.80 -10.71
N VAL C 110 5.46 10.80 -10.70
CA VAL C 110 4.92 11.19 -9.45
CA VAL C 110 4.86 11.27 -9.46
C VAL C 110 5.97 11.12 -8.36
C VAL C 110 5.83 11.06 -8.30
N HIS C 111 5.89 12.04 -7.41
CA HIS C 111 6.67 11.86 -6.19
C HIS C 111 5.86 12.35 -4.98
N PHE C 112 6.29 12.00 -3.78
CA PHE C 112 5.56 12.46 -2.61
C PHE C 112 6.56 12.79 -1.51
N ARG C 113 6.14 13.67 -0.61
N ARG C 113 6.14 13.68 -0.61
CA ARG C 113 6.94 14.13 0.52
CA ARG C 113 6.95 14.11 0.52
C ARG C 113 6.09 14.12 1.79
C ARG C 113 6.09 14.11 1.78
N ASP C 114 6.66 13.62 2.88
CA ASP C 114 6.02 13.70 4.20
C ASP C 114 6.02 15.13 4.73
N VAL C 115 4.84 15.68 5.00
CA VAL C 115 4.72 17.03 5.58
C VAL C 115 3.98 17.08 6.94
N THR C 116 3.94 15.96 7.64
CA THR C 116 3.26 15.85 8.94
C THR C 116 3.89 16.77 9.99
N GLY D 13 -27.22 26.26 9.99
CA GLY D 13 -28.11 25.08 10.19
C GLY D 13 -27.84 23.99 9.19
N ARG D 14 -27.66 22.76 9.68
CA ARG D 14 -27.54 21.60 8.80
CA ARG D 14 -27.55 21.57 8.86
C ARG D 14 -28.90 21.31 8.15
N GLU D 15 -28.87 21.29 6.82
CA GLU D 15 -30.08 21.00 6.05
C GLU D 15 -30.29 19.50 6.05
N ASN D 16 -31.53 19.08 5.86
CA ASN D 16 -31.87 17.66 5.73
C ASN D 16 -33.13 17.56 4.86
N LEU D 17 -33.66 16.35 4.66
CA LEU D 17 -34.81 16.19 3.77
C LEU D 17 -36.02 17.02 4.13
N TYR D 18 -36.19 17.40 5.41
CA TYR D 18 -37.35 18.17 5.79
C TYR D 18 -37.08 19.68 5.77
N PHE D 19 -35.92 20.07 6.27
CA PHE D 19 -35.55 21.49 6.24
C PHE D 19 -34.45 21.59 5.19
N GLN D 20 -34.85 21.91 3.96
CA GLN D 20 -33.95 21.78 2.83
C GLN D 20 -33.10 23.03 2.60
N GLY D 21 -33.51 24.15 3.23
CA GLY D 21 -32.81 25.44 3.14
C GLY D 21 -32.61 25.89 1.70
N GLY D 22 -33.58 25.55 0.85
CA GLY D 22 -33.54 25.90 -0.55
C GLY D 22 -32.51 25.16 -1.38
N LEU D 23 -31.93 24.09 -0.83
CA LEU D 23 -30.88 23.36 -1.56
C LEU D 23 -31.42 22.18 -2.38
N GLY D 24 -30.66 21.77 -3.39
CA GLY D 24 -30.93 20.56 -4.14
C GLY D 24 -30.63 19.33 -3.29
N PHE D 25 -31.56 18.38 -3.33
CA PHE D 25 -31.46 17.13 -2.56
C PHE D 25 -31.76 15.97 -3.47
N MSE D 26 -31.11 14.85 -3.21
CA MSE D 26 -31.44 13.60 -3.87
C MSE D 26 -31.29 12.51 -2.80
O MSE D 26 -30.34 12.55 -1.98
CB MSE D 26 -30.47 13.34 -5.04
CG MSE D 26 -30.69 11.97 -5.69
SE MSE D 26 -29.42 11.79 -7.19
CE MSE D 26 -30.19 12.96 -8.39
N ALA D 27 -32.20 11.54 -2.80
CA ALA D 27 -32.08 10.36 -1.93
C ALA D 27 -31.95 9.06 -2.75
N LEU D 28 -31.04 8.21 -2.31
CA LEU D 28 -30.82 6.89 -2.91
C LEU D 28 -31.23 5.82 -1.95
N ASP D 29 -31.92 4.79 -2.45
CA ASP D 29 -32.26 3.67 -1.58
C ASP D 29 -31.08 2.66 -1.41
N GLU D 30 -31.31 1.52 -0.75
CA GLU D 30 -30.25 0.52 -0.47
CA GLU D 30 -30.19 0.59 -0.47
C GLU D 30 -29.61 -0.04 -1.73
N ASP D 31 -30.33 0.06 -2.84
CA ASP D 31 -29.86 -0.49 -4.09
C ASP D 31 -29.34 0.62 -5.01
N LEU D 32 -29.19 1.81 -4.43
CA LEU D 32 -28.71 3.02 -5.12
C LEU D 32 -29.63 3.51 -6.24
N ARG D 33 -30.91 3.16 -6.12
N ARG D 33 -30.91 3.16 -6.11
CA ARG D 33 -31.94 3.73 -6.97
CA ARG D 33 -31.96 3.71 -6.96
C ARG D 33 -32.30 5.11 -6.46
C ARG D 33 -32.28 5.11 -6.45
N ILE D 34 -32.47 6.04 -7.38
CA ILE D 34 -32.92 7.39 -7.04
C ILE D 34 -34.39 7.30 -6.61
N ILE D 35 -34.64 7.51 -5.33
CA ILE D 35 -36.01 7.37 -4.81
C ILE D 35 -36.69 8.70 -4.50
N TYR D 36 -35.88 9.75 -4.37
CA TYR D 36 -36.38 11.11 -4.17
C TYR D 36 -35.42 12.08 -4.85
N VAL D 37 -35.98 13.06 -5.54
N VAL D 37 -35.97 13.09 -5.53
CA VAL D 37 -35.20 14.20 -6.01
CA VAL D 37 -35.15 14.17 -6.09
C VAL D 37 -36.05 15.46 -5.93
C VAL D 37 -35.95 15.48 -6.15
N ASN D 38 -35.44 16.59 -5.61
CA ASN D 38 -36.24 17.83 -5.61
C ASN D 38 -36.00 18.66 -6.89
N SER D 39 -36.72 19.76 -7.03
N SER D 39 -36.74 19.76 -7.02
CA SER D 39 -36.62 20.56 -8.24
CA SER D 39 -36.65 20.63 -8.21
C SER D 39 -35.22 21.19 -8.44
C SER D 39 -35.24 21.19 -8.43
N GLY D 40 -34.59 21.62 -7.34
CA GLY D 40 -33.23 22.21 -7.42
C GLY D 40 -32.22 21.20 -7.99
N CYS D 41 -32.32 19.96 -7.49
CA CYS D 41 -31.42 18.90 -7.96
C CYS D 41 -31.67 18.61 -9.46
N LEU D 42 -32.95 18.50 -9.87
CA LEU D 42 -33.28 18.28 -11.29
C LEU D 42 -32.77 19.41 -12.20
N ARG D 43 -32.91 20.64 -11.70
N ARG D 43 -32.93 20.66 -11.77
N ARG D 43 -32.94 20.65 -11.75
CA ARG D 43 -32.43 21.89 -12.34
CA ARG D 43 -32.38 21.79 -12.57
CA ARG D 43 -32.40 21.83 -12.45
C ARG D 43 -30.91 21.95 -12.48
C ARG D 43 -30.85 21.70 -12.65
C ARG D 43 -30.88 21.68 -12.63
N HIS D 44 -30.21 21.30 -11.55
CA HIS D 44 -28.74 21.21 -11.53
C HIS D 44 -28.22 20.17 -12.52
N VAL D 45 -28.85 19.01 -12.57
CA VAL D 45 -28.39 17.98 -13.48
C VAL D 45 -29.01 18.10 -14.84
N ARG D 46 -29.97 19.02 -14.97
CA ARG D 46 -30.67 19.30 -16.23
CA ARG D 46 -30.70 19.29 -16.23
C ARG D 46 -31.42 18.05 -16.76
N ARG D 47 -32.22 17.43 -15.90
CA ARG D 47 -32.94 16.21 -16.21
C ARG D 47 -34.39 16.32 -15.77
N SER D 48 -35.28 15.51 -16.37
CA SER D 48 -36.65 15.46 -15.91
C SER D 48 -36.76 14.50 -14.71
N ARG D 49 -37.83 14.67 -13.95
N ARG D 49 -37.83 14.68 -13.95
CA ARG D 49 -38.13 13.75 -12.87
CA ARG D 49 -38.18 13.78 -12.88
C ARG D 49 -38.27 12.32 -13.40
C ARG D 49 -38.27 12.34 -13.41
N ASP D 50 -39.01 12.16 -14.52
CA ASP D 50 -39.16 10.83 -15.15
C ASP D 50 -37.85 10.14 -15.52
N GLU D 51 -36.87 10.91 -15.99
CA GLU D 51 -35.57 10.38 -16.41
C GLU D 51 -34.83 9.75 -15.24
N LEU D 52 -35.02 10.31 -14.05
CA LEU D 52 -34.22 9.88 -12.89
C LEU D 52 -34.91 8.95 -11.91
N LEU D 53 -36.20 9.18 -11.65
CA LEU D 53 -36.86 8.48 -10.54
C LEU D 53 -36.89 6.97 -10.73
N GLY D 54 -36.47 6.23 -9.68
CA GLY D 54 -36.36 4.74 -9.72
C GLY D 54 -35.19 4.12 -10.48
N ARG D 55 -34.34 4.96 -11.06
N ARG D 55 -34.35 4.97 -11.09
CA ARG D 55 -33.23 4.45 -11.85
CA ARG D 55 -33.21 4.48 -11.85
C ARG D 55 -31.95 4.37 -11.02
C ARG D 55 -32.00 4.29 -10.96
N VAL D 56 -31.11 3.37 -11.33
CA VAL D 56 -29.85 3.19 -10.60
C VAL D 56 -29.00 4.45 -10.88
N VAL D 57 -28.53 5.09 -9.82
CA VAL D 57 -27.82 6.37 -9.96
C VAL D 57 -26.68 6.34 -11.00
N THR D 58 -25.92 5.23 -11.07
CA THR D 58 -24.78 5.16 -11.97
C THR D 58 -25.18 5.02 -13.43
N GLU D 59 -26.41 4.56 -13.65
CA GLU D 59 -26.94 4.37 -14.98
CA GLU D 59 -26.91 4.38 -15.00
C GLU D 59 -27.39 5.71 -15.57
N VAL D 60 -28.03 6.53 -14.76
CA VAL D 60 -28.59 7.77 -15.28
C VAL D 60 -27.71 9.00 -15.07
N LEU D 61 -26.80 8.92 -14.10
CA LEU D 61 -25.81 9.97 -13.87
C LEU D 61 -24.40 9.34 -13.98
N PRO D 62 -24.04 8.84 -15.18
CA PRO D 62 -22.80 8.07 -15.29
C PRO D 62 -21.55 8.89 -14.98
N GLU D 63 -21.57 10.19 -15.25
CA GLU D 63 -20.47 11.12 -14.91
C GLU D 63 -19.99 11.01 -13.43
N THR D 64 -20.86 10.56 -12.54
CA THR D 64 -20.52 10.39 -11.12
C THR D 64 -19.65 9.15 -10.81
N GLN D 65 -19.65 8.16 -11.71
N GLN D 65 -19.64 8.16 -11.70
CA GLN D 65 -18.78 6.99 -11.57
CA GLN D 65 -18.87 6.94 -11.48
C GLN D 65 -17.32 7.40 -11.58
C GLN D 65 -17.36 7.16 -11.66
N GLY D 66 -16.60 6.91 -10.60
CA GLY D 66 -15.16 7.13 -10.55
C GLY D 66 -14.78 8.56 -10.17
N SER D 67 -15.78 9.34 -9.75
CA SER D 67 -15.60 10.75 -9.42
C SER D 67 -15.53 10.88 -7.92
N TYR D 68 -15.29 12.10 -7.43
CA TYR D 68 -15.27 12.37 -5.99
C TYR D 68 -16.58 11.97 -5.35
N PHE D 69 -17.65 12.00 -6.15
CA PHE D 69 -18.98 11.72 -5.60
C PHE D 69 -19.17 10.22 -5.33
N ASP D 70 -18.60 9.39 -6.21
CA ASP D 70 -18.46 7.95 -6.03
C ASP D 70 -17.81 7.67 -4.63
N ALA D 71 -16.61 8.21 -4.42
CA ALA D 71 -15.85 8.04 -3.19
C ALA D 71 -16.67 8.49 -1.98
N LEU D 72 -17.37 9.61 -2.14
CA LEU D 72 -18.14 10.23 -1.05
C LEU D 72 -19.26 9.29 -0.59
N CYS D 73 -20.03 8.80 -1.56
CA CYS D 73 -21.11 7.84 -1.28
C CYS D 73 -20.62 6.55 -0.68
N ARG D 74 -19.54 5.99 -1.24
N ARG D 74 -19.55 5.98 -1.24
CA ARG D 74 -18.95 4.75 -0.68
CA ARG D 74 -18.94 4.75 -0.67
C ARG D 74 -18.57 4.91 0.79
C ARG D 74 -18.61 4.92 0.80
N LYS D 75 -18.00 6.05 1.14
CA LYS D 75 -17.65 6.34 2.53
C LYS D 75 -18.87 6.33 3.44
N VAL D 76 -19.97 6.95 3.00
CA VAL D 76 -21.20 6.95 3.80
C VAL D 76 -21.70 5.54 3.99
N LEU D 77 -21.76 4.75 2.91
CA LEU D 77 -22.24 3.36 3.08
C LEU D 77 -21.32 2.55 3.97
N ALA D 78 -20.01 2.79 3.86
CA ALA D 78 -19.01 1.95 4.55
C ALA D 78 -18.86 2.34 6.00
N THR D 79 -19.17 3.59 6.33
CA THR D 79 -18.93 4.07 7.71
C THR D 79 -20.23 4.43 8.42
N GLY D 80 -21.27 4.65 7.62
CA GLY D 80 -22.52 5.20 8.11
C GLY D 80 -22.47 6.66 8.54
N ARG D 81 -21.31 7.30 8.37
CA ARG D 81 -21.05 8.65 8.90
CA ARG D 81 -21.11 8.65 8.90
C ARG D 81 -21.21 9.72 7.81
N GLU D 82 -21.63 10.91 8.21
CA GLU D 82 -21.74 12.03 7.25
C GLU D 82 -20.38 12.39 6.61
N GLN D 83 -20.40 12.64 5.31
CA GLN D 83 -19.19 13.03 4.57
C GLN D 83 -19.45 14.32 3.84
N GLN D 84 -18.50 15.25 3.90
CA GLN D 84 -18.70 16.53 3.27
C GLN D 84 -17.43 16.97 2.57
N THR D 85 -17.58 17.58 1.40
CA THR D 85 -16.42 18.02 0.62
C THR D 85 -16.70 19.28 -0.14
N ARG D 86 -15.66 20.08 -0.40
CA ARG D 86 -15.79 21.21 -1.31
C ARG D 86 -15.06 20.93 -2.60
N VAL D 87 -15.79 21.02 -3.69
CA VAL D 87 -15.29 20.68 -5.02
C VAL D 87 -15.83 21.63 -6.06
N ASP D 88 -15.17 21.65 -7.20
CA ASP D 88 -15.77 22.25 -8.41
C ASP D 88 -16.84 21.27 -8.90
N SER D 89 -18.01 21.82 -9.21
CA SER D 89 -19.16 21.06 -9.65
C SER D 89 -18.94 20.23 -10.91
N LEU D 90 -19.33 18.96 -10.84
CA LEU D 90 -19.34 18.12 -12.04
C LEU D 90 -20.30 18.61 -13.09
N TYR D 91 -21.56 18.86 -12.68
CA TYR D 91 -22.64 19.22 -13.60
C TYR D 91 -22.62 20.68 -13.99
N SER D 92 -21.94 21.51 -13.18
CA SER D 92 -21.84 22.94 -13.49
C SER D 92 -20.38 23.46 -13.24
N PRO D 93 -19.41 23.07 -14.11
CA PRO D 93 -18.00 23.50 -13.90
C PRO D 93 -17.88 25.03 -13.77
N GLY D 94 -17.06 25.47 -12.81
CA GLY D 94 -16.95 26.87 -12.42
C GLY D 94 -17.84 27.22 -11.25
N MSE D 95 -18.72 26.32 -10.86
CA MSE D 95 -19.50 26.56 -9.67
C MSE D 95 -18.79 25.79 -8.60
O MSE D 95 -18.70 24.57 -8.70
CB MSE D 95 -20.90 25.98 -9.79
CG MSE D 95 -21.76 26.28 -8.57
SE MSE D 95 -23.52 25.45 -8.68
CE MSE D 95 -24.19 26.53 -10.13
N THR D 96 -18.27 26.48 -7.59
CA THR D 96 -17.69 25.77 -6.43
C THR D 96 -18.88 25.37 -5.57
N ILE D 97 -18.90 24.10 -5.16
CA ILE D 97 -19.98 23.58 -4.35
C ILE D 97 -19.51 22.87 -3.10
N GLU D 98 -20.37 22.84 -2.10
CA GLU D 98 -20.15 22.04 -0.93
C GLU D 98 -21.18 20.92 -1.00
N VAL D 99 -20.68 19.68 -1.02
CA VAL D 99 -21.54 18.50 -1.17
C VAL D 99 -21.52 17.72 0.16
N THR D 100 -22.72 17.37 0.65
CA THR D 100 -22.84 16.65 1.89
C THR D 100 -23.64 15.39 1.60
N ALA D 101 -23.15 14.27 2.10
CA ALA D 101 -23.84 13.01 1.92
C ALA D 101 -23.95 12.37 3.29
N ALA D 102 -25.11 11.77 3.60
CA ALA D 102 -25.34 11.26 4.96
C ALA D 102 -26.38 10.17 4.92
N ALA D 103 -26.38 9.29 5.89
CA ALA D 103 -27.49 8.35 6.03
C ALA D 103 -28.66 9.06 6.71
N ASP D 104 -29.86 8.83 6.20
CA ASP D 104 -31.05 9.36 6.88
C ASP D 104 -32.15 8.36 6.62
N SER D 105 -32.69 7.80 7.69
CA SER D 105 -33.89 6.98 7.63
C SER D 105 -33.71 5.80 6.65
N GLY D 106 -32.54 5.18 6.68
CA GLY D 106 -32.21 4.09 5.76
C GLY D 106 -31.71 4.47 4.36
N ALA D 107 -31.93 5.71 3.92
CA ALA D 107 -31.46 6.14 2.56
C ALA D 107 -30.11 6.84 2.65
N LEU D 108 -29.45 6.97 1.49
N LEU D 108 -29.47 6.98 1.48
CA LEU D 108 -28.25 7.79 1.39
CA LEU D 108 -28.26 7.77 1.34
C LEU D 108 -28.71 9.11 0.81
C LEU D 108 -28.73 9.12 0.80
N VAL D 109 -28.63 10.16 1.61
CA VAL D 109 -29.16 11.48 1.24
C VAL D 109 -28.05 12.47 0.95
N VAL D 110 -28.16 13.14 -0.20
N VAL D 110 -28.12 13.14 -0.21
CA VAL D 110 -27.13 14.06 -0.67
CA VAL D 110 -27.06 14.03 -0.66
C VAL D 110 -27.77 15.41 -0.88
C VAL D 110 -27.64 15.39 -1.03
N HIS D 111 -27.02 16.45 -0.53
CA HIS D 111 -27.38 17.79 -0.94
C HIS D 111 -26.14 18.56 -1.33
N PHE D 112 -26.34 19.70 -2.00
CA PHE D 112 -25.20 20.48 -2.38
C PHE D 112 -25.58 21.94 -2.30
N ARG D 113 -24.56 22.76 -2.08
N ARG D 113 -24.55 22.75 -2.11
CA ARG D 113 -24.72 24.21 -1.91
CA ARG D 113 -24.72 24.19 -1.94
C ARG D 113 -23.68 24.95 -2.73
C ARG D 113 -23.67 24.94 -2.76
N ASP D 114 -24.13 25.95 -3.49
CA ASP D 114 -23.26 26.79 -4.30
C ASP D 114 -22.44 27.68 -3.36
N VAL D 115 -21.12 27.55 -3.37
CA VAL D 115 -20.26 28.35 -2.49
C VAL D 115 -19.29 29.23 -3.30
N THR D 116 -19.66 29.49 -4.54
CA THR D 116 -18.84 30.30 -5.46
C THR D 116 -18.66 31.71 -4.91
N ALA D 117 -17.41 32.15 -4.89
CA ALA D 117 -17.03 33.50 -4.39
C ALA D 117 -17.57 33.79 -2.98
N GLU D 118 -17.81 32.72 -2.20
CA GLU D 118 -18.23 32.84 -0.80
C GLU D 118 -17.11 33.48 0.03
N GLY E 13 28.52 0.55 -33.82
CA GLY E 13 29.48 0.82 -32.68
C GLY E 13 28.82 1.57 -31.50
N ARG E 14 28.58 0.98 -30.31
CA ARG E 14 27.90 -0.31 -29.94
C ARG E 14 28.58 -0.94 -28.71
N GLU E 15 29.36 -0.11 -28.03
CA GLU E 15 29.99 -0.52 -26.77
C GLU E 15 28.98 -0.78 -25.64
N ASN E 16 29.29 -1.74 -24.77
CA ASN E 16 28.44 -2.05 -23.64
C ASN E 16 29.29 -2.42 -22.44
N LEU E 17 28.68 -2.84 -21.32
CA LEU E 17 29.42 -3.07 -20.11
C LEU E 17 30.45 -4.16 -20.30
N TYR E 18 30.23 -5.06 -21.26
CA TYR E 18 31.22 -6.11 -21.52
C TYR E 18 32.25 -5.66 -22.53
N PHE E 19 31.84 -5.32 -23.74
CA PHE E 19 32.77 -4.81 -24.74
C PHE E 19 32.76 -3.30 -24.63
N GLN E 20 33.69 -2.78 -23.82
CA GLN E 20 33.70 -1.35 -23.52
C GLN E 20 34.41 -0.47 -24.54
N GLY E 21 35.27 -1.09 -25.36
CA GLY E 21 35.98 -0.34 -26.43
C GLY E 21 36.85 0.80 -25.92
N GLY E 22 37.42 0.63 -24.72
CA GLY E 22 38.26 1.64 -24.08
C GLY E 22 37.57 2.91 -23.59
N LEU E 23 36.24 2.94 -23.69
CA LEU E 23 35.43 4.07 -23.27
C LEU E 23 35.14 4.08 -21.77
N GLY E 24 34.86 5.27 -21.24
CA GLY E 24 34.44 5.41 -19.86
C GLY E 24 32.99 4.97 -19.69
N PHE E 25 32.75 4.16 -18.66
CA PHE E 25 31.42 3.60 -18.35
C PHE E 25 31.09 3.79 -16.89
N MSE E 26 29.83 4.05 -16.63
CA MSE E 26 29.28 4.06 -15.28
C MSE E 26 27.90 3.40 -15.31
O MSE E 26 27.20 3.52 -16.29
CB MSE E 26 29.16 5.49 -14.79
CG MSE E 26 28.63 5.59 -13.35
SE MSE E 26 28.51 7.56 -12.89
CE MSE E 26 27.16 8.22 -14.13
N ALA E 27 27.53 2.71 -14.25
CA ALA E 27 26.18 2.18 -14.16
C ALA E 27 25.56 2.65 -12.87
N LEU E 28 24.26 2.97 -12.96
CA LEU E 28 23.42 3.38 -11.81
C LEU E 28 22.32 2.37 -11.52
N ASP E 29 22.08 2.12 -10.24
CA ASP E 29 20.86 1.36 -9.87
C ASP E 29 19.57 2.16 -9.91
N GLU E 30 18.47 1.52 -9.47
CA GLU E 30 17.18 2.18 -9.52
C GLU E 30 17.08 3.37 -8.62
N ASP E 31 17.99 3.52 -7.66
CA ASP E 31 17.98 4.67 -6.78
C ASP E 31 18.99 5.71 -7.20
N LEU E 32 19.52 5.51 -8.40
CA LEU E 32 20.57 6.34 -9.00
C LEU E 32 21.89 6.32 -8.19
N ARG E 33 22.10 5.25 -7.44
N ARG E 33 22.11 5.23 -7.46
CA ARG E 33 23.40 4.98 -6.84
CA ARG E 33 23.40 4.99 -6.81
C ARG E 33 24.38 4.49 -7.91
C ARG E 33 24.40 4.37 -7.79
N ILE E 34 25.65 4.85 -7.75
CA ILE E 34 26.71 4.39 -8.62
C ILE E 34 27.11 2.96 -8.25
N ILE E 35 26.78 2.01 -9.12
CA ILE E 35 27.07 0.63 -8.75
C ILE E 35 28.23 0.04 -9.56
N TYR E 36 28.70 0.77 -10.56
CA TYR E 36 29.80 0.31 -11.42
C TYR E 36 30.46 1.53 -12.05
N VAL E 37 31.79 1.57 -11.98
N VAL E 37 31.79 1.52 -12.07
CA VAL E 37 32.59 2.49 -12.76
CA VAL E 37 32.58 2.55 -12.72
C VAL E 37 33.83 1.80 -13.29
C VAL E 37 33.94 1.99 -13.17
N ASN E 38 34.33 2.27 -14.42
CA ASN E 38 35.61 1.79 -14.92
C ASN E 38 36.67 2.89 -14.81
N SER E 39 37.91 2.55 -15.16
CA SER E 39 39.04 3.51 -15.12
C SER E 39 38.83 4.79 -15.93
N GLY E 40 38.34 4.62 -17.16
CA GLY E 40 38.04 5.74 -18.05
C GLY E 40 37.11 6.76 -17.41
N CYS E 41 36.06 6.25 -16.77
CA CYS E 41 35.17 7.10 -16.02
C CYS E 41 35.86 7.80 -14.82
N LEU E 42 36.61 7.02 -14.06
CA LEU E 42 37.27 7.53 -12.83
C LEU E 42 38.31 8.57 -13.16
N ARG E 43 39.03 8.35 -14.26
N ARG E 43 39.04 8.35 -14.25
CA ARG E 43 40.01 9.30 -14.77
CA ARG E 43 39.99 9.37 -14.68
C ARG E 43 39.36 10.61 -15.24
C ARG E 43 39.26 10.65 -15.06
N HIS E 44 38.16 10.49 -15.80
CA HIS E 44 37.39 11.62 -16.35
C HIS E 44 36.87 12.56 -15.27
N VAL E 45 36.31 12.00 -14.21
CA VAL E 45 35.73 12.82 -13.11
C VAL E 45 36.72 13.04 -11.96
N ARG E 46 37.88 12.43 -12.07
CA ARG E 46 38.97 12.59 -11.09
C ARG E 46 38.56 12.21 -9.65
N ARG E 47 37.98 11.01 -9.52
CA ARG E 47 37.61 10.45 -8.22
C ARG E 47 38.06 9.00 -8.19
N SER E 48 38.17 8.40 -7.00
CA SER E 48 38.52 6.95 -6.92
C SER E 48 37.24 6.14 -6.95
N ARG E 49 37.39 4.83 -7.11
CA ARG E 49 36.24 3.92 -7.08
C ARG E 49 35.53 4.00 -5.71
N ASP E 50 36.28 3.97 -4.62
CA ASP E 50 35.63 4.02 -3.30
C ASP E 50 34.98 5.39 -3.03
N GLU E 51 35.45 6.46 -3.68
CA GLU E 51 34.77 7.76 -3.58
C GLU E 51 33.36 7.80 -4.22
N LEU E 52 33.11 6.94 -5.19
CA LEU E 52 31.86 7.01 -5.93
C LEU E 52 30.89 5.87 -5.61
N LEU E 53 31.44 4.70 -5.35
CA LEU E 53 30.62 3.49 -5.33
C LEU E 53 29.60 3.53 -4.19
N GLY E 54 28.35 3.32 -4.57
CA GLY E 54 27.25 3.25 -3.64
C GLY E 54 26.66 4.60 -3.32
N ARG E 55 27.22 5.68 -3.87
N ARG E 55 27.21 5.68 -3.88
CA ARG E 55 26.72 7.04 -3.63
CA ARG E 55 26.68 7.02 -3.61
C ARG E 55 25.68 7.43 -4.67
C ARG E 55 25.69 7.46 -4.67
N VAL E 56 24.69 8.21 -4.25
CA VAL E 56 23.72 8.77 -5.18
C VAL E 56 24.46 9.70 -6.15
N VAL E 57 24.24 9.50 -7.45
CA VAL E 57 25.03 10.20 -8.46
C VAL E 57 25.07 11.74 -8.27
N THR E 58 23.95 12.36 -7.86
CA THR E 58 23.89 13.83 -7.68
C THR E 58 24.61 14.31 -6.42
N GLU E 59 24.83 13.39 -5.48
CA GLU E 59 25.54 13.70 -4.28
C GLU E 59 27.06 13.83 -4.57
N VAL E 60 27.60 12.98 -5.44
CA VAL E 60 29.06 12.98 -5.67
C VAL E 60 29.46 13.62 -6.99
N LEU E 61 28.50 13.73 -7.91
CA LEU E 61 28.71 14.47 -9.14
C LEU E 61 27.63 15.55 -9.27
N PRO E 62 27.56 16.48 -8.29
CA PRO E 62 26.46 17.46 -8.26
C PRO E 62 26.44 18.36 -9.50
N GLU E 63 27.58 18.50 -10.17
CA GLU E 63 27.66 19.28 -11.40
C GLU E 63 26.74 18.71 -12.52
N THR E 64 26.37 17.44 -12.45
CA THR E 64 25.46 16.87 -13.47
C THR E 64 24.01 17.34 -13.34
N GLN E 65 23.63 17.81 -12.14
CA GLN E 65 22.28 18.28 -11.89
CA GLN E 65 22.28 18.32 -11.88
C GLN E 65 21.91 19.49 -12.77
N GLY E 66 20.81 19.38 -13.50
CA GLY E 66 20.31 20.48 -14.33
C GLY E 66 21.06 20.61 -15.64
N SER E 67 21.90 19.62 -15.93
CA SER E 67 22.65 19.58 -17.17
C SER E 67 21.99 18.71 -18.21
N TYR E 68 22.63 18.60 -19.38
CA TYR E 68 22.13 17.74 -20.45
C TYR E 68 22.10 16.30 -19.91
N PHE E 69 22.97 16.00 -18.93
CA PHE E 69 23.16 14.62 -18.46
C PHE E 69 21.95 14.15 -17.62
N ASP E 70 21.52 15.02 -16.72
CA ASP E 70 20.26 14.97 -15.98
C ASP E 70 19.09 14.63 -16.94
N ALA E 71 18.90 15.47 -17.97
CA ALA E 71 17.84 15.28 -18.96
C ALA E 71 17.94 13.88 -19.62
N LEU E 72 19.17 13.51 -19.98
CA LEU E 72 19.43 12.28 -20.75
C LEU E 72 18.98 11.04 -19.96
N CYS E 73 19.40 11.02 -18.71
CA CYS E 73 19.07 9.92 -17.82
C CYS E 73 17.56 9.91 -17.56
N ARG E 74 16.92 11.05 -17.35
CA ARG E 74 15.46 11.03 -17.16
C ARG E 74 14.76 10.41 -18.38
N LYS E 75 15.29 10.71 -19.57
CA LYS E 75 14.63 10.27 -20.79
C LYS E 75 14.71 8.76 -20.94
N VAL E 76 15.86 8.17 -20.55
CA VAL E 76 15.99 6.72 -20.49
C VAL E 76 15.03 6.11 -19.49
N LEU E 77 14.98 6.67 -18.29
CA LEU E 77 14.07 6.13 -17.28
C LEU E 77 12.60 6.27 -17.71
N ALA E 78 12.26 7.38 -18.34
CA ALA E 78 10.86 7.66 -18.74
C ALA E 78 10.42 6.91 -20.00
N THR E 79 11.32 6.71 -20.96
CA THR E 79 10.96 6.08 -22.24
C THR E 79 11.26 4.59 -22.30
N GLY E 80 12.23 4.16 -21.48
CA GLY E 80 12.80 2.83 -21.49
C GLY E 80 13.53 2.55 -22.81
N ARG E 81 14.05 3.61 -23.44
CA ARG E 81 14.73 3.53 -24.74
CA ARG E 81 14.76 3.48 -24.72
C ARG E 81 16.14 4.11 -24.63
N GLU E 82 17.09 3.54 -25.37
CA GLU E 82 18.42 4.11 -25.43
C GLU E 82 18.39 5.57 -25.93
N GLN E 83 19.20 6.43 -25.33
CA GLN E 83 19.29 7.85 -25.74
C GLN E 83 20.75 8.22 -25.96
N GLN E 84 21.00 9.10 -26.92
CA GLN E 84 22.38 9.44 -27.26
C GLN E 84 22.41 10.93 -27.61
N THR E 85 23.47 11.61 -27.17
CA THR E 85 23.61 13.06 -27.41
C THR E 85 25.05 13.49 -27.66
N ARG E 86 25.22 14.48 -28.55
N ARG E 86 25.24 14.49 -28.52
CA ARG E 86 26.53 15.12 -28.77
CA ARG E 86 26.55 15.09 -28.75
C ARG E 86 26.54 16.44 -28.04
C ARG E 86 26.59 16.46 -28.09
N VAL E 87 27.48 16.62 -27.13
CA VAL E 87 27.58 17.82 -26.31
C VAL E 87 29.02 18.14 -25.92
N ASP E 88 29.21 19.35 -25.38
CA ASP E 88 30.48 19.74 -24.77
CA ASP E 88 30.47 19.73 -24.77
C ASP E 88 30.55 19.08 -23.39
N SER E 89 31.67 18.42 -23.13
CA SER E 89 31.89 17.75 -21.86
C SER E 89 31.81 18.72 -20.70
N LEU E 90 31.19 18.25 -19.63
CA LEU E 90 31.02 18.97 -18.42
C LEU E 90 32.29 18.99 -17.54
N TYR E 91 32.93 17.82 -17.39
CA TYR E 91 34.09 17.63 -16.48
C TYR E 91 35.46 17.91 -17.17
N SER E 92 35.43 17.94 -18.51
CA SER E 92 36.61 18.16 -19.34
C SER E 92 36.31 19.26 -20.38
N PRO E 93 36.32 20.54 -19.96
CA PRO E 93 35.99 21.70 -20.80
C PRO E 93 36.60 21.72 -22.21
N GLY E 94 35.73 21.87 -23.20
CA GLY E 94 36.20 21.94 -24.58
C GLY E 94 36.62 20.59 -25.11
N MSE E 95 36.22 19.52 -24.42
CA MSE E 95 36.26 18.22 -25.04
C MSE E 95 34.86 18.00 -25.56
O MSE E 95 33.90 18.02 -24.78
CB MSE E 95 36.64 17.12 -24.05
CG MSE E 95 36.61 15.74 -24.67
SE MSE E 95 36.78 14.35 -23.34
CE MSE E 95 38.67 14.76 -23.02
N THR E 96 34.71 17.82 -26.87
CA THR E 96 33.43 17.39 -27.38
C THR E 96 33.29 15.89 -27.10
N ILE E 97 32.13 15.52 -26.60
CA ILE E 97 31.86 14.12 -26.31
C ILE E 97 30.51 13.65 -26.86
N GLU E 98 30.40 12.35 -27.10
CA GLU E 98 29.12 11.75 -27.38
C GLU E 98 28.77 10.85 -26.18
N VAL E 99 27.58 11.06 -25.60
CA VAL E 99 27.16 10.34 -24.40
C VAL E 99 25.94 9.48 -24.72
N THR E 100 25.97 8.23 -24.24
CA THR E 100 24.96 7.23 -24.57
C THR E 100 24.50 6.65 -23.25
N ALA E 101 23.18 6.50 -23.10
CA ALA E 101 22.62 5.97 -21.87
C ALA E 101 21.53 4.96 -22.25
N ALA E 102 21.51 3.83 -21.57
CA ALA E 102 20.56 2.79 -21.90
C ALA E 102 20.35 1.92 -20.70
N ALA E 103 19.23 1.20 -20.72
CA ALA E 103 18.95 0.22 -19.68
C ALA E 103 19.73 -1.05 -20.01
N ASP E 104 20.22 -1.73 -19.00
CA ASP E 104 20.83 -3.06 -19.16
C ASP E 104 20.57 -3.84 -17.87
N SER E 105 19.82 -4.93 -18.04
N SER E 105 19.66 -4.81 -17.90
CA SER E 105 19.28 -5.70 -16.92
CA SER E 105 19.30 -5.60 -16.69
C SER E 105 18.64 -4.70 -15.99
C SER E 105 18.97 -4.79 -15.43
N GLY E 106 18.79 -4.88 -14.70
N GLY E 106 18.09 -3.80 -15.58
CA GLY E 106 18.35 -3.82 -13.84
CA GLY E 106 17.60 -3.01 -14.48
C GLY E 106 19.49 -2.86 -13.61
C GLY E 106 18.49 -1.83 -14.15
N ALA E 107 19.82 -2.03 -14.61
N ALA E 107 19.73 -1.84 -14.66
CA ALA E 107 20.66 -0.82 -14.41
CA ALA E 107 20.71 -0.77 -14.35
C ALA E 107 20.46 0.26 -15.49
C ALA E 107 20.77 0.18 -15.52
N LEU E 108 20.95 1.45 -15.20
CA LEU E 108 21.08 2.50 -16.17
C LEU E 108 22.56 2.59 -16.47
N VAL E 109 22.94 2.28 -17.70
CA VAL E 109 24.37 2.19 -18.07
C VAL E 109 24.67 3.36 -18.98
N VAL E 110 25.71 4.12 -18.61
N VAL E 110 25.67 4.17 -18.62
CA VAL E 110 26.14 5.29 -19.38
CA VAL E 110 26.07 5.30 -19.47
C VAL E 110 27.55 5.08 -19.91
C VAL E 110 27.55 5.24 -19.85
N HIS E 111 27.83 5.60 -21.11
CA HIS E 111 29.21 5.69 -21.58
C HIS E 111 29.39 6.94 -22.41
N PHE E 112 30.63 7.38 -22.51
CA PHE E 112 30.92 8.52 -23.34
C PHE E 112 32.18 8.27 -24.20
N ARG E 113 32.25 9.03 -25.29
CA ARG E 113 33.32 8.91 -26.25
C ARG E 113 33.79 10.33 -26.57
N ASP E 114 35.12 10.52 -26.61
CA ASP E 114 35.69 11.81 -27.02
C ASP E 114 35.57 11.88 -28.53
N VAL E 115 34.82 12.87 -29.03
CA VAL E 115 34.65 13.07 -30.48
C VAL E 115 35.30 14.38 -31.02
N THR E 116 36.07 15.07 -30.16
CA THR E 116 36.65 16.38 -30.50
C THR E 116 37.30 16.32 -31.89
N ALA E 117 38.24 15.37 -32.03
CA ALA E 117 38.77 14.98 -33.33
C ALA E 117 37.87 13.90 -33.94
N ARG F 14 -15.09 -5.57 -11.45
CA ARG F 14 -15.29 -4.09 -11.56
C ARG F 14 -16.27 -3.48 -10.53
N GLU F 15 -17.15 -4.31 -9.96
CA GLU F 15 -18.17 -3.80 -9.04
C GLU F 15 -17.62 -3.34 -7.67
N ASN F 16 -18.27 -2.33 -7.10
CA ASN F 16 -17.97 -1.83 -5.75
C ASN F 16 -19.25 -1.28 -5.15
N LEU F 17 -19.19 -0.72 -3.94
CA LEU F 17 -20.34 -0.22 -3.23
C LEU F 17 -21.13 0.81 -4.03
N TYR F 18 -20.47 1.55 -4.92
CA TYR F 18 -21.19 2.60 -5.64
C TYR F 18 -21.66 2.05 -6.97
N PHE F 19 -20.76 1.47 -7.76
CA PHE F 19 -21.17 0.82 -9.00
C PHE F 19 -21.41 -0.66 -8.76
N GLN F 20 -22.64 -1.06 -8.43
CA GLN F 20 -22.86 -2.40 -7.91
C GLN F 20 -23.10 -3.48 -8.97
N GLY F 21 -23.39 -3.04 -10.20
CA GLY F 21 -23.67 -3.92 -11.35
C GLY F 21 -24.71 -4.99 -11.09
N GLY F 22 -25.74 -4.63 -10.32
CA GLY F 22 -26.85 -5.56 -10.03
C GLY F 22 -26.58 -6.70 -9.07
N LEU F 23 -25.38 -6.69 -8.47
CA LEU F 23 -24.93 -7.78 -7.59
C LEU F 23 -25.35 -7.55 -6.16
N GLY F 24 -25.40 -8.64 -5.38
CA GLY F 24 -25.64 -8.57 -3.94
C GLY F 24 -24.38 -8.12 -3.26
N PHE F 25 -24.55 -7.19 -2.32
CA PHE F 25 -23.45 -6.54 -1.53
C PHE F 25 -23.81 -6.52 -0.05
N MSE F 26 -22.78 -6.63 0.77
CA MSE F 26 -22.89 -6.45 2.19
C MSE F 26 -21.59 -5.82 2.66
O MSE F 26 -20.53 -6.13 2.12
CB MSE F 26 -23.07 -7.83 2.88
CG MSE F 26 -23.09 -7.77 4.40
SE MSE F 26 -23.40 -9.61 5.12
CE MSE F 26 -25.29 -9.64 4.93
N ALA F 27 -21.68 -4.90 3.62
CA ALA F 27 -20.46 -4.32 4.21
C ALA F 27 -20.50 -4.63 5.68
N LEU F 28 -19.33 -4.97 6.22
CA LEU F 28 -19.11 -5.29 7.63
C LEU F 28 -18.16 -4.24 8.21
N ASP F 29 -18.48 -3.77 9.41
CA ASP F 29 -17.58 -2.86 10.14
C ASP F 29 -16.44 -3.63 10.85
N GLU F 30 -15.59 -2.88 11.57
CA GLU F 30 -14.44 -3.50 12.22
C GLU F 30 -14.80 -4.54 13.29
N ASP F 31 -16.08 -4.62 13.67
CA ASP F 31 -16.52 -5.68 14.58
C ASP F 31 -17.29 -6.77 13.87
N LEU F 32 -17.22 -6.73 12.54
CA LEU F 32 -17.95 -7.68 11.69
C LEU F 32 -19.49 -7.55 11.88
N ARG F 33 -19.94 -6.38 12.32
N ARG F 33 -19.94 -6.38 12.30
CA ARG F 33 -21.35 -6.04 12.33
CA ARG F 33 -21.38 -6.11 12.36
C ARG F 33 -21.77 -5.73 10.90
C ARG F 33 -21.82 -5.66 10.98
N ILE F 34 -22.96 -6.18 10.53
CA ILE F 34 -23.49 -5.86 9.22
C ILE F 34 -23.97 -4.39 9.24
N ILE F 35 -23.32 -3.53 8.47
CA ILE F 35 -23.65 -2.09 8.51
C ILE F 35 -24.30 -1.60 7.21
N TYR F 36 -24.26 -2.45 6.18
CA TYR F 36 -24.92 -2.14 4.92
C TYR F 36 -25.25 -3.49 4.26
N VAL F 37 -26.44 -3.60 3.69
CA VAL F 37 -26.76 -4.81 2.95
C VAL F 37 -27.79 -4.41 1.91
N ASN F 38 -27.63 -4.84 0.66
CA ASN F 38 -28.64 -4.46 -0.36
C ASN F 38 -29.72 -5.57 -0.53
N SER F 39 -30.71 -5.29 -1.37
N SER F 39 -30.73 -5.29 -1.36
CA SER F 39 -31.86 -6.20 -1.54
CA SER F 39 -31.85 -6.22 -1.53
C SER F 39 -31.49 -7.56 -2.15
C SER F 39 -31.44 -7.57 -2.09
N GLY F 40 -30.49 -7.56 -3.03
CA GLY F 40 -30.03 -8.78 -3.66
C GLY F 40 -29.44 -9.69 -2.60
N CYS F 41 -28.68 -9.10 -1.68
N CYS F 41 -28.69 -9.09 -1.67
CA CYS F 41 -28.08 -9.87 -0.61
CA CYS F 41 -28.10 -9.85 -0.61
C CYS F 41 -29.15 -10.40 0.36
C CYS F 41 -29.16 -10.41 0.34
N LEU F 42 -30.14 -9.56 0.69
CA LEU F 42 -31.27 -9.98 1.57
C LEU F 42 -32.08 -11.12 0.96
N ARG F 43 -32.35 -11.05 -0.35
N ARG F 43 -32.33 -11.04 -0.35
CA ARG F 43 -33.12 -12.11 -1.01
CA ARG F 43 -33.02 -12.09 -1.09
C ARG F 43 -32.32 -13.41 -1.05
C ARG F 43 -32.30 -13.37 -0.83
N HIS F 44 -31.00 -13.30 -1.08
CA HIS F 44 -30.15 -14.49 -1.14
C HIS F 44 -30.15 -15.26 0.17
N VAL F 45 -30.02 -14.55 1.28
CA VAL F 45 -29.99 -15.20 2.59
C VAL F 45 -31.36 -15.40 3.19
N ARG F 46 -32.36 -14.80 2.53
CA ARG F 46 -33.78 -14.95 2.86
CA ARG F 46 -33.78 -14.96 2.87
C ARG F 46 -34.09 -14.33 4.24
N ARG F 47 -33.59 -13.11 4.45
CA ARG F 47 -33.81 -12.42 5.72
C ARG F 47 -34.28 -11.00 5.47
N SER F 48 -34.81 -10.36 6.51
CA SER F 48 -35.20 -8.96 6.40
C SER F 48 -34.01 -8.06 6.76
N ARG F 49 -34.06 -6.81 6.33
N ARG F 49 -34.09 -6.82 6.30
CA ARG F 49 -33.01 -5.88 6.75
CA ARG F 49 -33.16 -5.75 6.69
C ARG F 49 -32.97 -5.73 8.27
C ARG F 49 -33.00 -5.72 8.21
N ASP F 50 -34.13 -5.63 8.90
CA ASP F 50 -34.15 -5.53 10.37
C ASP F 50 -33.55 -6.73 11.06
N GLU F 51 -33.60 -7.92 10.45
CA GLU F 51 -32.96 -9.08 11.06
C GLU F 51 -31.45 -9.01 11.05
N LEU F 52 -30.88 -8.35 10.04
CA LEU F 52 -29.44 -8.39 9.85
C LEU F 52 -28.73 -7.14 10.33
N LEU F 53 -29.35 -5.96 10.10
CA LEU F 53 -28.58 -4.69 10.29
C LEU F 53 -28.11 -4.49 11.72
N GLY F 54 -26.82 -4.13 11.89
CA GLY F 54 -26.21 -3.97 13.21
C GLY F 54 -25.85 -5.22 13.99
N ARG F 55 -26.09 -6.39 13.41
CA ARG F 55 -25.81 -7.66 14.05
CA ARG F 55 -25.81 -7.66 14.05
C ARG F 55 -24.46 -8.21 13.58
N VAL F 56 -23.74 -8.86 14.49
CA VAL F 56 -22.48 -9.51 14.16
C VAL F 56 -22.76 -10.66 13.20
N VAL F 57 -22.06 -10.66 12.07
CA VAL F 57 -22.36 -11.55 10.95
C VAL F 57 -22.41 -13.03 11.36
N THR F 58 -21.52 -13.44 12.26
CA THR F 58 -21.52 -14.83 12.76
C THR F 58 -22.73 -15.18 13.64
N GLU F 59 -23.36 -14.19 14.26
CA GLU F 59 -24.49 -14.48 15.08
C GLU F 59 -25.73 -14.74 14.23
N VAL F 60 -25.93 -13.89 13.22
CA VAL F 60 -27.16 -13.96 12.41
C VAL F 60 -27.01 -14.80 11.17
N LEU F 61 -25.78 -14.96 10.67
CA LEU F 61 -25.52 -15.89 9.55
C LEU F 61 -24.54 -16.97 10.02
N PRO F 62 -24.99 -17.83 10.97
CA PRO F 62 -24.05 -18.77 11.61
C PRO F 62 -23.50 -19.83 10.67
N GLU F 63 -24.22 -20.12 9.58
CA GLU F 63 -23.71 -21.09 8.59
C GLU F 63 -22.40 -20.65 7.95
N THR F 64 -22.13 -19.35 7.94
CA THR F 64 -20.84 -18.87 7.39
C THR F 64 -19.64 -19.29 8.25
N GLN F 65 -19.88 -19.53 9.54
CA GLN F 65 -18.77 -19.79 10.45
C GLN F 65 -18.13 -21.12 10.06
N GLY F 66 -16.81 -21.11 9.89
CA GLY F 66 -16.06 -22.32 9.52
C GLY F 66 -16.20 -22.72 8.05
N SER F 67 -16.81 -21.86 7.24
CA SER F 67 -17.06 -22.11 5.81
C SER F 67 -15.97 -21.41 5.01
N TYR F 68 -15.99 -21.57 3.68
CA TYR F 68 -15.06 -20.84 2.78
C TYR F 68 -15.11 -19.33 3.04
N PHE F 69 -16.29 -18.82 3.41
CA PHE F 69 -16.50 -17.39 3.55
C PHE F 69 -15.77 -16.81 4.78
N ASP F 70 -15.80 -17.57 5.87
CA ASP F 70 -15.05 -17.31 7.10
C ASP F 70 -13.57 -17.14 6.67
N ALA F 71 -13.03 -18.12 5.96
CA ALA F 71 -11.61 -18.01 5.52
C ALA F 71 -11.35 -16.80 4.60
N LEU F 72 -12.29 -16.51 3.73
CA LEU F 72 -12.15 -15.44 2.76
C LEU F 72 -12.06 -14.10 3.51
N CYS F 73 -12.99 -13.91 4.43
CA CYS F 73 -12.99 -12.70 5.28
C CYS F 73 -11.71 -12.54 6.13
N ARG F 74 -11.28 -13.63 6.78
CA ARG F 74 -10.04 -13.59 7.56
C ARG F 74 -8.86 -13.11 6.75
N LYS F 75 -8.80 -13.59 5.49
CA LYS F 75 -7.66 -13.28 4.63
C LYS F 75 -7.65 -11.80 4.23
N VAL F 76 -8.83 -11.21 4.03
CA VAL F 76 -8.88 -9.77 3.74
C VAL F 76 -8.49 -9.01 4.99
N LEU F 77 -9.01 -9.39 6.14
CA LEU F 77 -8.64 -8.66 7.39
C LEU F 77 -7.15 -8.77 7.70
N ALA F 78 -6.57 -9.92 7.39
CA ALA F 78 -5.17 -10.19 7.70
C ALA F 78 -4.18 -9.57 6.71
N THR F 79 -4.64 -9.26 5.50
CA THR F 79 -3.68 -8.77 4.47
C THR F 79 -3.99 -7.37 3.97
N GLY F 80 -5.22 -6.92 4.18
CA GLY F 80 -5.81 -5.81 3.42
C GLY F 80 -6.04 -6.02 1.93
N ARG F 81 -5.76 -7.22 1.43
N ARG F 81 -5.76 -7.21 1.43
CA ARG F 81 -5.78 -7.48 0.00
CA ARG F 81 -5.79 -7.45 -0.01
C ARG F 81 -7.09 -8.12 -0.41
C ARG F 81 -7.10 -8.11 -0.41
N GLU F 82 -7.62 -7.69 -1.56
CA GLU F 82 -8.85 -8.27 -2.11
C GLU F 82 -8.68 -9.78 -2.33
N GLN F 83 -9.72 -10.52 -1.96
CA GLN F 83 -9.73 -11.96 -2.16
C GLN F 83 -10.98 -12.37 -2.95
N GLN F 84 -10.80 -13.32 -3.84
CA GLN F 84 -11.89 -13.79 -4.67
C GLN F 84 -11.86 -15.31 -4.74
N THR F 85 -13.03 -15.93 -4.75
CA THR F 85 -13.12 -17.38 -4.86
C THR F 85 -14.39 -17.82 -5.61
N ARG F 86 -14.29 -18.94 -6.33
N ARG F 86 -14.32 -18.93 -6.34
CA ARG F 86 -15.38 -19.59 -7.02
CA ARG F 86 -15.49 -19.49 -6.99
C ARG F 86 -15.79 -20.81 -6.21
C ARG F 86 -15.83 -20.79 -6.30
N VAL F 87 -17.01 -20.82 -5.69
CA VAL F 87 -17.47 -21.91 -4.83
C VAL F 87 -18.95 -22.23 -5.08
N ASP F 88 -19.39 -23.35 -4.55
CA ASP F 88 -20.83 -23.59 -4.50
C ASP F 88 -21.44 -22.77 -3.36
N SER F 89 -22.56 -22.10 -3.64
N SER F 89 -22.56 -22.09 -3.63
CA SER F 89 -23.23 -21.25 -2.66
CA SER F 89 -23.24 -21.25 -2.64
C SER F 89 -23.71 -21.98 -1.42
C SER F 89 -23.67 -22.01 -1.41
N LEU F 90 -23.39 -21.43 -0.25
CA LEU F 90 -23.92 -21.91 1.04
C LEU F 90 -25.43 -21.76 1.16
N TYR F 91 -25.93 -20.61 0.75
CA TYR F 91 -27.32 -20.28 0.90
C TYR F 91 -28.18 -20.77 -0.26
N SER F 92 -27.55 -21.12 -1.38
CA SER F 92 -28.30 -21.67 -2.52
C SER F 92 -27.48 -22.77 -3.22
N PRO F 93 -27.42 -23.95 -2.59
CA PRO F 93 -26.58 -25.06 -3.12
C PRO F 93 -26.95 -25.41 -4.56
N GLY F 94 -25.93 -25.60 -5.37
CA GLY F 94 -26.05 -25.83 -6.80
C GLY F 94 -25.85 -24.57 -7.59
N MSE F 95 -25.92 -23.41 -6.93
CA MSE F 95 -25.61 -22.16 -7.59
C MSE F 95 -24.10 -21.96 -7.49
O MSE F 95 -23.58 -21.79 -6.40
CB MSE F 95 -26.32 -20.98 -6.93
CG MSE F 95 -26.09 -19.69 -7.67
SE MSE F 95 -26.74 -18.10 -6.69
CE MSE F 95 -28.59 -18.57 -6.83
N THR F 96 -23.43 -21.96 -8.63
CA THR F 96 -22.02 -21.63 -8.62
C THR F 96 -21.93 -20.14 -8.48
N ILE F 97 -21.18 -19.68 -7.48
CA ILE F 97 -20.96 -18.24 -7.30
C ILE F 97 -19.51 -17.83 -7.29
N GLU F 98 -19.26 -16.61 -7.73
CA GLU F 98 -17.99 -15.97 -7.51
C GLU F 98 -18.13 -14.96 -6.37
N VAL F 99 -17.31 -15.10 -5.34
CA VAL F 99 -17.44 -14.26 -4.13
C VAL F 99 -16.17 -13.42 -4.01
N THR F 100 -16.35 -12.12 -3.77
CA THR F 100 -15.24 -11.20 -3.73
C THR F 100 -15.32 -10.45 -2.41
N ALA F 101 -14.19 -10.27 -1.74
CA ALA F 101 -14.21 -9.53 -0.49
C ALA F 101 -13.06 -8.53 -0.55
N ALA F 102 -13.29 -7.29 -0.14
CA ALA F 102 -12.21 -6.31 -0.18
C ALA F 102 -12.40 -5.30 0.92
N ALA F 103 -11.33 -4.58 1.23
CA ALA F 103 -11.45 -3.45 2.11
C ALA F 103 -11.80 -2.24 1.25
N ASP F 104 -12.76 -1.44 1.71
CA ASP F 104 -13.08 -0.21 1.00
C ASP F 104 -13.63 0.79 1.99
N SER F 105 -13.05 2.00 1.99
CA SER F 105 -13.56 3.15 2.75
C SER F 105 -13.82 2.82 4.22
N GLY F 106 -13.01 1.92 4.77
CA GLY F 106 -13.09 1.54 6.20
C GLY F 106 -13.73 0.17 6.49
N ALA F 107 -14.51 -0.33 5.53
CA ALA F 107 -15.32 -1.52 5.77
C ALA F 107 -14.74 -2.75 5.07
N LEU F 108 -15.16 -3.94 5.50
CA LEU F 108 -14.96 -5.14 4.73
C LEU F 108 -16.22 -5.27 3.85
N VAL F 109 -16.04 -5.16 2.54
CA VAL F 109 -17.15 -5.16 1.57
C VAL F 109 -17.11 -6.46 0.80
N VAL F 110 -18.24 -7.16 0.82
N VAL F 110 -18.22 -7.19 0.82
CA VAL F 110 -18.39 -8.44 0.14
CA VAL F 110 -18.31 -8.45 0.10
C VAL F 110 -19.43 -8.31 -0.99
C VAL F 110 -19.46 -8.43 -0.91
N HIS F 111 -19.22 -9.03 -2.08
CA HIS F 111 -20.25 -9.18 -3.10
C HIS F 111 -20.16 -10.56 -3.75
N PHE F 112 -21.24 -10.98 -4.38
CA PHE F 112 -21.24 -12.28 -5.03
C PHE F 112 -21.99 -12.19 -6.34
N ARG F 113 -21.64 -13.08 -7.27
CA ARG F 113 -22.19 -13.08 -8.61
C ARG F 113 -22.48 -14.56 -8.95
N ASP F 114 -23.70 -14.83 -9.41
CA ASP F 114 -24.10 -16.15 -9.87
C ASP F 114 -23.36 -16.40 -11.18
N VAL F 115 -22.52 -17.45 -11.20
CA VAL F 115 -21.75 -17.85 -12.39
C VAL F 115 -22.15 -19.24 -12.92
N THR F 116 -23.35 -19.70 -12.57
CA THR F 116 -23.78 -21.07 -12.85
C THR F 116 -23.87 -21.35 -14.36
N ALA F 117 -24.27 -20.34 -15.12
CA ALA F 117 -24.47 -20.48 -16.57
C ALA F 117 -23.15 -20.35 -17.36
N GLU F 118 -22.03 -20.53 -16.66
CA GLU F 118 -20.70 -20.45 -17.26
C GLU F 118 -20.02 -21.82 -17.35
O2 3PB G . 24.29 -6.95 2.31
C1 3PB G . 24.72 -7.58 3.30
O1 3PB G . 25.94 -7.81 3.42
C2 3PB G . 23.72 -8.03 4.38
C3 3PB G . 23.00 -9.30 3.94
C4 3PB G . 24.00 -10.43 3.65
O1P 3PB G . 22.05 -9.73 4.98
P 3PB G . 20.66 -10.53 4.66
O4P 3PB G . 21.08 -11.85 4.04
O2P 3PB G . 20.02 -10.69 6.03
O3P 3PB G . 19.86 -9.62 3.73
O2 3PB H . -2.96 -5.05 28.24
C1 3PB H . -2.28 -6.02 27.86
O1 3PB H . -1.30 -6.47 28.50
C2 3PB H . -2.76 -6.62 26.53
C3 3PB H . -2.42 -5.78 25.31
C4 3PB H . -0.90 -5.66 25.19
O1P 3PB H . -2.92 -6.41 24.11
P 3PB H . -3.15 -5.56 22.75
O4P 3PB H . -1.82 -4.95 22.45
O2P 3PB H . -3.58 -6.56 21.67
O3P 3PB H . -4.29 -4.65 23.15
O2 3PB I . 0.00 7.35 0.00
C1 3PB I . -0.34 8.18 -0.87
O1 3PB I . -1.46 8.73 -0.85
C2 3PB I . 0.65 8.48 -2.01
C3 3PB I . 0.68 7.34 -3.03
C4 3PB I . -0.72 7.18 -3.64
O1P 3PB I . 1.66 7.62 -4.07
P 3PB I . 2.40 6.46 -4.92
O4P 3PB I . 1.32 5.58 -5.49
O2P 3PB I . 3.22 7.30 -5.93
O3P 3PB I . 3.30 5.72 -3.94
O2 3PB J . -22.31 18.72 -9.68
C1 3PB J . -21.88 18.06 -8.73
O1 3PB J . -20.70 17.75 -8.60
C2 3PB J . -22.85 17.58 -7.65
C3 3PB J . -23.64 16.36 -8.16
C4 3PB J . -22.66 15.22 -8.41
O1P 3PB J . -24.55 15.92 -7.12
P 3PB J . -25.99 15.25 -7.46
O4P 3PB J . -25.65 13.99 -8.25
O2P 3PB J . -26.60 14.97 -6.11
O3P 3PB J . -26.72 16.33 -8.21
O2 3PB K . 31.83 15.29 -18.60
C1 3PB K . 30.73 14.88 -19.06
O1 3PB K . 29.89 15.63 -19.59
C2 3PB K . 30.40 13.39 -18.96
C3 3PB K . 29.89 13.00 -17.58
C4 3PB K . 28.64 13.80 -17.26
O1P 3PB K . 29.53 11.59 -17.60
P 3PB K . 29.75 10.64 -16.32
O4P 3PB K . 29.04 11.33 -15.18
O2P 3PB K . 29.16 9.30 -16.75
O3P 3PB K . 31.26 10.59 -16.13
O2 3PB L . -24.26 -18.28 -0.40
C1 3PB L . -23.06 -17.95 -0.31
O1 3PB L . -22.14 -18.81 -0.24
C2 3PB L . -22.73 -16.44 -0.26
C3 3PB L . -22.85 -15.84 1.15
C4 3PB L . -22.03 -16.57 2.20
O1P 3PB L . -22.41 -14.45 1.07
P 3PB L . -23.15 -13.29 1.93
O4P 3PB L . -23.00 -13.73 3.37
O2P 3PB L . -22.39 -12.04 1.50
O3P 3PB L . -24.58 -13.27 1.45
#